data_4RR1
#
_entry.id   4RR1
#
_cell.length_a   207.680
_cell.length_b   143.060
_cell.length_c   41.530
_cell.angle_alpha   90.000
_cell.angle_beta   90.070
_cell.angle_gamma   90.000
#
_symmetry.space_group_name_H-M   'C 1 2 1'
#
loop_
_entity.id
_entity.type
_entity.pdbx_description
1 polymer 'Protease degS'
2 non-polymer 'PHOSPHATE ION'
3 non-polymer 'NICKEL (II) ION'
4 water water
#
_entity_poly.entity_id   1
_entity_poly.type   'polypeptide(L)'
_entity_poly.pdbx_seq_one_letter_code
;(MSE)TPASYNLAVRRAAPAVVNVYNRGLNTNSHNQLEIRTLGSGVI(MSE)DQRGYIITNKHVINDADQIIVALQDGRV
FEALLVGSDSLTDLAVLKINATGGLPTIPINARRVPHIGDVVLAIGNPYNLGQTITQGIISATGRIGLNPTGRQNFLQTD
ASINHGNSGGALVNSLGEL(MSE)GINTLSFDKSNDGETPEGIGFAIPFQLATKI(MSE)DKLIRDGRVIRGYIGIGGRE
IAPLHAQGGGIDQLQGIVVNEVSPDGPAANAGIQVNDLIISVDNKPAISALET(MSE)DQVAEIRPGSVIPVVV(MSE)R
DDKQLTLQVTIQEYPATNHHHHHH
;
_entity_poly.pdbx_strand_id   A,B,C
#
loop_
_chem_comp.id
_chem_comp.type
_chem_comp.name
_chem_comp.formula
NI non-polymer 'NICKEL (II) ION' 'Ni 2'
PO4 non-polymer 'PHOSPHATE ION' 'O4 P -3'
#
# COMPACT_ATOMS: atom_id res chain seq x y z
N MSE A 1 -3.98 -26.61 0.68
CA MSE A 1 -4.75 -25.42 1.05
C MSE A 1 -4.79 -24.42 -0.10
O MSE A 1 -3.97 -24.48 -1.02
CB MSE A 1 -4.15 -24.76 2.29
CG MSE A 1 -4.22 -25.62 3.55
SE MSE A 1 -3.45 -24.76 5.11
CE MSE A 1 -1.59 -24.71 4.55
HA MSE A 1 -5.66 -25.69 1.26
HB2 MSE A 1 -4.63 -23.93 2.47
HB3 MSE A 1 -3.22 -24.56 2.12
HG2 MSE A 1 -3.74 -26.45 3.39
HG3 MSE A 1 -5.16 -25.82 3.75
HE1 MSE A 1 -1.06 -24.29 5.25
HE2 MSE A 1 -1.28 -25.62 4.40
HE3 MSE A 1 -1.52 -24.19 3.73
N THR A 2 -5.75 -23.50 -0.05
CA THR A 2 -5.93 -22.50 -1.10
C THR A 2 -5.25 -21.18 -0.72
N PRO A 3 -4.37 -20.67 -1.60
CA PRO A 3 -3.78 -19.35 -1.31
C PRO A 3 -4.84 -18.27 -1.19
N ALA A 4 -4.66 -17.33 -0.27
CA ALA A 4 -5.57 -16.20 -0.14
C ALA A 4 -5.54 -15.38 -1.42
N SER A 5 -6.72 -15.09 -1.96
CA SER A 5 -6.80 -14.41 -3.25
C SER A 5 -8.08 -13.60 -3.45
N TYR A 6 -7.92 -12.45 -4.12
CA TYR A 6 -9.01 -11.61 -4.63
C TYR A 6 -9.30 -11.83 -6.12
N ASN A 7 -8.69 -12.88 -6.70
CA ASN A 7 -8.88 -13.16 -8.14
C ASN A 7 -10.34 -13.26 -8.61
N LEU A 8 -11.24 -13.66 -7.72
CA LEU A 8 -12.66 -13.72 -8.04
C LEU A 8 -13.17 -12.33 -8.45
N ALA A 9 -12.86 -11.33 -7.64
CA ALA A 9 -13.23 -9.95 -7.92
C ALA A 9 -12.65 -9.49 -9.25
N VAL A 10 -11.41 -9.86 -9.50
CA VAL A 10 -10.74 -9.46 -10.73
C VAL A 10 -11.45 -10.07 -11.96
N ARG A 11 -11.69 -11.37 -11.93
CA ARG A 11 -12.31 -12.03 -13.08
C ARG A 11 -13.70 -11.46 -13.37
N ARG A 12 -14.42 -11.11 -12.30
CA ARG A 12 -15.79 -10.63 -12.44
C ARG A 12 -15.87 -9.20 -12.98
N ALA A 13 -14.94 -8.36 -12.55
CA ALA A 13 -14.97 -6.90 -12.77
C ALA A 13 -14.09 -6.45 -13.94
N ALA A 14 -12.83 -6.87 -13.92
CA ALA A 14 -11.78 -6.33 -14.78
C ALA A 14 -12.12 -6.20 -16.29
N PRO A 15 -12.86 -7.16 -16.88
CA PRO A 15 -13.19 -7.00 -18.30
C PRO A 15 -14.05 -5.76 -18.62
N ALA A 16 -14.73 -5.19 -17.63
CA ALA A 16 -15.53 -3.99 -17.85
C ALA A 16 -14.72 -2.69 -17.70
N VAL A 17 -13.43 -2.79 -17.36
CA VAL A 17 -12.59 -1.60 -17.24
C VAL A 17 -11.78 -1.39 -18.52
N VAL A 18 -11.87 -0.18 -19.07
CA VAL A 18 -11.37 0.11 -20.40
C VAL A 18 -10.27 1.19 -20.36
N ASN A 19 -9.47 1.24 -21.43
CA ASN A 19 -8.59 2.38 -21.70
C ASN A 19 -9.35 3.49 -22.37
N VAL A 20 -9.10 4.72 -21.95
CA VAL A 20 -9.71 5.89 -22.57
C VAL A 20 -8.59 6.79 -23.09
N TYR A 21 -8.67 7.16 -24.38
CA TYR A 21 -7.68 8.03 -25.01
C TYR A 21 -8.27 9.35 -25.47
N ASN A 22 -7.66 10.44 -25.02
CA ASN A 22 -7.97 11.80 -25.46
C ASN A 22 -7.01 12.19 -26.59
N ARG A 23 -7.55 12.38 -27.80
CA ARG A 23 -6.76 12.79 -28.96
C ARG A 23 -7.19 14.16 -29.50
N GLY A 24 -6.21 15.07 -29.68
CA GLY A 24 -6.45 16.36 -30.32
C GLY A 24 -6.01 16.48 -31.77
N LEU A 25 -6.60 17.43 -32.50
CA LEU A 25 -6.13 17.77 -33.85
C LEU A 25 -5.17 18.96 -33.93
N ASN A 26 -5.07 19.73 -32.86
CA ASN A 26 -4.13 20.87 -32.79
C ASN A 26 -2.85 20.54 -32.02
N THR A 27 -2.66 19.29 -31.66
CA THR A 27 -1.57 18.89 -30.76
C THR A 27 -0.19 18.99 -31.42
N ASN A 28 -0.13 18.78 -32.74
CA ASN A 28 1.11 18.84 -33.49
C ASN A 28 0.94 19.73 -34.71
N SER A 29 2.05 20.08 -35.36
CA SER A 29 1.99 21.06 -36.43
C SER A 29 1.29 20.55 -37.71
N HIS A 30 1.25 19.24 -37.87
CA HIS A 30 0.69 18.60 -39.07
C HIS A 30 -0.79 18.31 -38.90
N ASN A 31 -1.34 18.72 -37.77
CA ASN A 31 -2.76 18.52 -37.46
C ASN A 31 -3.19 17.06 -37.67
N GLN A 32 -2.38 16.13 -37.19
CA GLN A 32 -2.73 14.71 -37.17
C GLN A 32 -3.15 14.30 -35.77
N LEU A 33 -4.17 13.47 -35.66
CA LEU A 33 -4.69 13.04 -34.36
C LEU A 33 -3.56 12.41 -33.54
N GLU A 34 -3.42 12.87 -32.31
CA GLU A 34 -2.33 12.43 -31.42
C GLU A 34 -2.87 12.38 -29.99
N ILE A 35 -2.41 11.43 -29.20
CA ILE A 35 -2.88 11.32 -27.81
C ILE A 35 -2.36 12.50 -26.96
N ARG A 36 -3.30 13.27 -26.41
CA ARG A 36 -3.03 14.31 -25.42
C ARG A 36 -2.95 13.73 -24.01
N THR A 37 -3.88 12.82 -23.72
CA THR A 37 -4.08 12.29 -22.37
C THR A 37 -4.62 10.86 -22.42
N LEU A 38 -4.28 10.08 -21.40
CA LEU A 38 -4.78 8.71 -21.24
C LEU A 38 -5.45 8.53 -19.89
N GLY A 39 -6.25 7.48 -19.77
CA GLY A 39 -6.94 7.20 -18.54
C GLY A 39 -7.69 5.90 -18.64
N SER A 40 -8.56 5.69 -17.66
CA SER A 40 -9.39 4.49 -17.59
C SER A 40 -10.85 4.88 -17.54
N GLY A 41 -11.71 3.90 -17.80
CA GLY A 41 -13.14 4.10 -17.73
C GLY A 41 -13.79 2.80 -17.35
N VAL A 42 -15.08 2.89 -17.05
CA VAL A 42 -15.86 1.77 -16.59
C VAL A 42 -17.14 1.66 -17.43
N ILE A 43 -17.36 0.52 -18.06
CA ILE A 43 -18.60 0.32 -18.82
C ILE A 43 -19.72 0.00 -17.84
N MSE A 44 -20.72 0.88 -17.82
CA MSE A 44 -21.85 0.80 -16.91
C MSE A 44 -22.98 -0.11 -17.37
O MSE A 44 -23.60 -0.76 -16.54
CB MSE A 44 -22.37 2.20 -16.60
CG MSE A 44 -21.30 3.12 -16.03
SE MSE A 44 -20.38 2.43 -14.44
CE MSE A 44 -21.85 2.49 -13.17
H MSE A 44 -20.77 1.44 -18.60
HA MSE A 44 -21.51 0.44 -16.06
HB2 MSE A 44 -23.10 2.14 -15.96
HB3 MSE A 44 -22.69 2.60 -17.43
HG2 MSE A 44 -21.72 3.96 -15.78
HG3 MSE A 44 -20.62 3.29 -16.71
HE1 MSE A 44 -21.54 2.18 -12.31
HE2 MSE A 44 -22.15 3.42 -13.09
HE3 MSE A 44 -22.57 1.93 -13.50
N ASP A 45 -23.26 -0.15 -18.68
CA ASP A 45 -24.29 -1.05 -19.18
C ASP A 45 -24.19 -1.29 -20.68
N GLN A 46 -25.06 -2.16 -21.18
CA GLN A 46 -24.98 -2.64 -22.57
C GLN A 46 -25.32 -1.58 -23.60
N ARG A 47 -25.88 -0.46 -23.17
CA ARG A 47 -26.15 0.61 -24.12
C ARG A 47 -24.85 1.28 -24.57
N GLY A 48 -23.75 1.00 -23.87
CA GLY A 48 -22.46 1.58 -24.24
C GLY A 48 -22.09 2.83 -23.45
N TYR A 49 -22.79 3.09 -22.36
CA TYR A 49 -22.45 4.22 -21.50
C TYR A 49 -21.25 3.88 -20.62
N ILE A 50 -20.28 4.78 -20.60
CA ILE A 50 -19.03 4.57 -19.90
C ILE A 50 -18.75 5.76 -18.99
N ILE A 51 -18.39 5.50 -17.74
CA ILE A 51 -17.99 6.58 -16.83
C ILE A 51 -16.46 6.68 -16.81
N THR A 52 -15.96 7.92 -16.88
CA THR A 52 -14.54 8.20 -16.76
C THR A 52 -14.34 9.50 -15.97
N ASN A 53 -13.11 10.01 -15.88
CA ASN A 53 -12.87 11.31 -15.24
C ASN A 53 -13.00 12.43 -16.26
N LYS A 54 -13.55 13.55 -15.83
CA LYS A 54 -13.64 14.72 -16.71
C LYS A 54 -12.24 15.18 -17.15
N HIS A 55 -11.26 15.11 -16.26
CA HIS A 55 -9.93 15.61 -16.61
C HIS A 55 -9.26 14.72 -17.66
N VAL A 56 -9.73 13.49 -17.83
CA VAL A 56 -9.18 12.63 -18.86
C VAL A 56 -9.64 13.03 -20.27
N ILE A 57 -10.90 13.42 -20.41
CA ILE A 57 -11.49 13.72 -21.72
C ILE A 57 -11.58 15.22 -22.07
N ASN A 58 -11.09 16.07 -21.19
CA ASN A 58 -11.17 17.51 -21.41
C ASN A 58 -10.54 17.97 -22.72
N ASP A 59 -11.30 18.74 -23.49
CA ASP A 59 -10.82 19.32 -24.75
C ASP A 59 -10.42 18.26 -25.77
N ALA A 60 -11.07 17.11 -25.72
CA ALA A 60 -10.79 16.03 -26.67
C ALA A 60 -11.48 16.33 -28.00
N ASP A 61 -10.73 16.20 -29.10
CA ASP A 61 -11.30 16.22 -30.44
C ASP A 61 -11.84 14.85 -30.81
N GLN A 62 -11.18 13.81 -30.31
CA GLN A 62 -11.62 12.43 -30.49
C GLN A 62 -11.33 11.60 -29.24
N ILE A 63 -12.31 10.79 -28.84
CA ILE A 63 -12.16 9.92 -27.69
C ILE A 63 -12.21 8.47 -28.16
N ILE A 64 -11.17 7.71 -27.81
CA ILE A 64 -11.11 6.30 -28.14
C ILE A 64 -11.16 5.46 -26.88
N VAL A 65 -11.96 4.40 -26.95
CA VAL A 65 -12.10 3.43 -25.88
C VAL A 65 -11.60 2.08 -26.36
N ALA A 66 -10.76 1.45 -25.55
CA ALA A 66 -10.22 0.12 -25.86
C ALA A 66 -10.53 -0.87 -24.73
N LEU A 67 -11.22 -1.94 -25.08
CA LEU A 67 -11.56 -3.01 -24.15
CA LEU A 67 -11.57 -3.01 -24.15
C LEU A 67 -10.42 -4.00 -23.98
N GLN A 68 -10.41 -4.72 -22.87
CA GLN A 68 -9.42 -5.76 -22.66
C GLN A 68 -9.52 -6.91 -23.69
N ASP A 69 -10.69 -7.10 -24.30
CA ASP A 69 -10.87 -8.20 -25.27
C ASP A 69 -10.38 -7.81 -26.67
N GLY A 70 -9.86 -6.59 -26.81
CA GLY A 70 -9.21 -6.14 -28.03
C GLY A 70 -10.01 -5.16 -28.87
N ARG A 71 -11.30 -5.05 -28.58
CA ARG A 71 -12.15 -4.19 -29.40
C ARG A 71 -11.85 -2.72 -29.12
N VAL A 72 -11.94 -1.90 -30.17
CA VAL A 72 -11.71 -0.46 -30.08
C VAL A 72 -12.90 0.31 -30.64
N PHE A 73 -13.35 1.32 -29.91
CA PHE A 73 -14.52 2.12 -30.28
C PHE A 73 -14.21 3.60 -30.19
N GLU A 74 -14.80 4.37 -31.07
CA GLU A 74 -14.84 5.80 -30.89
C GLU A 74 -15.98 6.09 -29.93
N ALA A 75 -15.79 7.05 -29.04
CA ALA A 75 -16.80 7.39 -28.05
C ALA A 75 -17.29 8.82 -28.21
N LEU A 76 -18.59 8.99 -27.93
CA LEU A 76 -19.18 10.32 -27.87
CA LEU A 76 -19.22 10.30 -27.87
C LEU A 76 -19.29 10.78 -26.42
N LEU A 77 -19.06 12.07 -26.21
CA LEU A 77 -19.14 12.66 -24.88
C LEU A 77 -20.58 13.03 -24.55
N VAL A 78 -21.14 12.41 -23.52
CA VAL A 78 -22.52 12.67 -23.15
C VAL A 78 -22.63 13.95 -22.33
N GLY A 79 -21.70 14.10 -21.40
CA GLY A 79 -21.67 15.23 -20.50
C GLY A 79 -20.61 15.02 -19.44
N SER A 80 -20.35 16.06 -18.65
CA SER A 80 -19.31 16.00 -17.63
C SER A 80 -19.70 16.84 -16.42
N ASP A 81 -19.07 16.56 -15.28
CA ASP A 81 -19.31 17.31 -14.06
C ASP A 81 -17.99 17.67 -13.35
N SER A 82 -17.69 18.96 -13.27
CA SER A 82 -16.46 19.43 -12.65
C SER A 82 -16.40 19.12 -11.16
N LEU A 83 -17.55 19.20 -10.50
CA LEU A 83 -17.59 19.02 -9.05
C LEU A 83 -17.20 17.61 -8.62
N THR A 84 -17.64 16.60 -9.38
CA THR A 84 -17.24 15.22 -9.12
C THR A 84 -16.07 14.74 -10.00
N ASP A 85 -15.58 15.60 -10.89
CA ASP A 85 -14.62 15.17 -11.91
C ASP A 85 -15.08 13.89 -12.63
N LEU A 86 -16.36 13.81 -12.97
CA LEU A 86 -16.87 12.67 -13.73
C LEU A 86 -17.27 13.10 -15.13
N ALA A 87 -17.15 12.17 -16.06
CA ALA A 87 -17.67 12.34 -17.40
C ALA A 87 -18.34 11.05 -17.86
N VAL A 88 -19.30 11.17 -18.76
CA VAL A 88 -19.98 10.02 -19.32
C VAL A 88 -19.76 9.95 -20.82
N LEU A 89 -19.40 8.77 -21.30
CA LEU A 89 -19.13 8.53 -22.71
C LEU A 89 -20.14 7.53 -23.23
N LYS A 90 -20.34 7.55 -24.54
CA LYS A 90 -21.18 6.55 -25.17
C LYS A 90 -20.51 5.99 -26.40
N ILE A 91 -20.42 4.67 -26.43
CA ILE A 91 -19.89 3.97 -27.58
C ILE A 91 -21.05 3.23 -28.20
N ASN A 92 -20.95 3.00 -29.51
CA ASN A 92 -21.95 2.25 -30.23
C ASN A 92 -21.42 0.85 -30.47
N ALA A 93 -21.96 -0.10 -29.72
CA ALA A 93 -21.43 -1.44 -29.70
C ALA A 93 -22.38 -2.40 -30.38
N THR A 94 -21.82 -3.19 -31.28
CA THR A 94 -22.50 -4.35 -31.82
C THR A 94 -21.83 -5.56 -31.19
N GLY A 95 -22.65 -6.52 -30.80
CA GLY A 95 -22.16 -7.80 -30.31
C GLY A 95 -22.05 -7.91 -28.80
N GLY A 96 -22.59 -6.93 -28.08
CA GLY A 96 -22.60 -6.99 -26.63
C GLY A 96 -21.34 -6.39 -26.02
N LEU A 97 -21.44 -6.07 -24.74
CA LEU A 97 -20.36 -5.43 -24.03
C LEU A 97 -20.23 -6.05 -22.66
N PRO A 98 -19.01 -6.10 -22.12
CA PRO A 98 -18.84 -6.42 -20.72
C PRO A 98 -19.35 -5.27 -19.87
N THR A 99 -19.95 -5.54 -18.72
CA THR A 99 -20.44 -4.47 -17.88
C THR A 99 -20.05 -4.67 -16.43
N ILE A 100 -19.76 -3.60 -15.71
CA ILE A 100 -19.27 -3.71 -14.34
C ILE A 100 -20.33 -4.29 -13.41
N PRO A 101 -19.95 -5.25 -12.55
CA PRO A 101 -20.96 -5.72 -11.61
C PRO A 101 -21.36 -4.61 -10.64
N ILE A 102 -22.66 -4.45 -10.41
CA ILE A 102 -23.17 -3.48 -9.45
C ILE A 102 -24.24 -4.10 -8.56
N ASN A 103 -24.17 -3.78 -7.27
CA ASN A 103 -25.27 -4.08 -6.38
C ASN A 103 -25.72 -2.82 -5.67
N ALA A 104 -26.90 -2.35 -6.06
CA ALA A 104 -27.38 -1.05 -5.62
C ALA A 104 -27.80 -1.08 -4.16
N ARG A 105 -28.04 -2.29 -3.65
CA ARG A 105 -28.46 -2.46 -2.25
C ARG A 105 -27.28 -2.69 -1.31
N ARG A 106 -26.08 -2.88 -1.86
CA ARG A 106 -24.90 -3.09 -1.04
C ARG A 106 -24.52 -1.78 -0.32
N VAL A 107 -24.34 -1.87 1.00
CA VAL A 107 -23.93 -0.73 1.80
C VAL A 107 -22.43 -0.79 2.07
N PRO A 108 -21.64 0.12 1.46
CA PRO A 108 -20.19 0.06 1.69
C PRO A 108 -19.86 0.36 3.16
N HIS A 109 -18.89 -0.34 3.73
CA HIS A 109 -18.48 -0.10 5.11
C HIS A 109 -17.00 0.21 5.20
N ILE A 110 -16.65 1.14 6.09
CA ILE A 110 -15.27 1.44 6.37
C ILE A 110 -14.59 0.14 6.78
N GLY A 111 -13.46 -0.15 6.15
CA GLY A 111 -12.77 -1.41 6.40
C GLY A 111 -12.98 -2.48 5.35
N ASP A 112 -13.94 -2.27 4.44
CA ASP A 112 -14.15 -3.22 3.33
C ASP A 112 -12.93 -3.25 2.45
N VAL A 113 -12.51 -4.45 2.10
CA VAL A 113 -11.42 -4.63 1.15
C VAL A 113 -11.87 -4.15 -0.23
N VAL A 114 -11.01 -3.39 -0.90
CA VAL A 114 -11.32 -2.94 -2.26
C VAL A 114 -10.12 -3.17 -3.16
N LEU A 115 -10.41 -3.39 -4.44
CA LEU A 115 -9.40 -3.47 -5.48
C LEU A 115 -9.59 -2.29 -6.41
N ALA A 116 -8.49 -1.62 -6.75
CA ALA A 116 -8.51 -0.53 -7.71
C ALA A 116 -8.04 -1.09 -9.02
N ILE A 117 -8.86 -0.96 -10.06
CA ILE A 117 -8.56 -1.51 -11.38
C ILE A 117 -8.35 -0.40 -12.39
N GLY A 118 -7.23 -0.43 -13.09
CA GLY A 118 -6.98 0.55 -14.12
C GLY A 118 -6.22 -0.10 -15.26
N ASN A 119 -6.33 0.51 -16.44
CA ASN A 119 -5.94 -0.14 -17.68
C ASN A 119 -4.96 0.71 -18.48
N ASN A 122 0.41 1.44 -20.98
CA ASN A 122 1.85 1.21 -20.92
C ASN A 122 2.20 -0.07 -20.15
N LEU A 123 1.74 -0.17 -18.91
CA LEU A 123 1.99 -1.34 -18.06
C LEU A 123 0.85 -2.36 -18.10
N GLY A 124 -0.16 -2.10 -18.93
CA GLY A 124 -1.30 -2.99 -19.05
C GLY A 124 -2.27 -2.80 -17.91
N GLN A 125 -3.26 -3.69 -17.80
CA GLN A 125 -4.24 -3.57 -16.72
C GLN A 125 -3.60 -3.90 -15.37
N THR A 126 -3.74 -2.97 -14.43
CA THR A 126 -3.20 -3.10 -13.08
C THR A 126 -4.30 -3.19 -12.04
N ILE A 127 -4.03 -4.01 -11.03
CA ILE A 127 -4.89 -4.17 -9.88
C ILE A 127 -4.09 -3.86 -8.61
N THR A 128 -4.62 -3.00 -7.74
CA THR A 128 -4.02 -2.79 -6.42
C THR A 128 -5.09 -2.94 -5.35
N GLN A 129 -4.66 -3.27 -4.14
CA GLN A 129 -5.58 -3.60 -3.07
C GLN A 129 -5.41 -2.68 -1.87
N GLY A 130 -6.50 -2.47 -1.15
CA GLY A 130 -6.55 -1.56 -0.03
C GLY A 130 -7.85 -1.79 0.69
N ILE A 131 -8.26 -0.83 1.51
CA ILE A 131 -9.56 -0.88 2.13
C ILE A 131 -10.26 0.45 1.95
N ILE A 132 -11.55 0.47 2.24
CA ILE A 132 -12.25 1.73 2.31
C ILE A 132 -11.84 2.42 3.62
N SER A 133 -11.21 3.57 3.46
CA SER A 133 -10.76 4.39 4.59
CA SER A 133 -10.76 4.39 4.58
C SER A 133 -11.89 5.26 5.14
N ALA A 134 -12.67 5.85 4.23
CA ALA A 134 -13.87 6.62 4.59
C ALA A 134 -14.90 6.45 3.47
N THR A 135 -16.17 6.32 3.84
CA THR A 135 -17.21 5.98 2.88
C THR A 135 -17.67 7.15 2.02
N GLY A 136 -17.52 8.36 2.53
CA GLY A 136 -17.93 9.55 1.79
C GLY A 136 -19.44 9.69 1.70
N ARG A 137 -19.90 10.77 1.08
CA ARG A 137 -21.32 11.08 0.98
C ARG A 137 -21.85 10.91 -0.45
N ILE A 138 -23.07 10.41 -0.57
CA ILE A 138 -23.69 10.15 -1.86
C ILE A 138 -24.62 11.26 -2.36
N GLY A 139 -24.71 12.35 -1.60
CA GLY A 139 -25.58 13.46 -1.95
C GLY A 139 -25.01 14.37 -3.04
N LEU A 140 -25.87 15.19 -3.64
CA LEU A 140 -25.47 16.04 -4.76
C LEU A 140 -24.77 17.34 -4.38
N ASN A 141 -25.03 17.85 -3.18
CA ASN A 141 -24.39 19.08 -2.73
C ASN A 141 -22.87 18.91 -2.68
N PRO A 142 -22.12 19.67 -3.51
CA PRO A 142 -20.67 19.49 -3.39
C PRO A 142 -20.15 19.94 -2.03
N THR A 143 -19.49 19.05 -1.29
CA THR A 143 -18.79 19.43 -0.05
C THR A 143 -17.24 19.48 -0.12
N GLY A 144 -16.67 19.13 -1.26
CA GLY A 144 -15.22 18.96 -1.37
C GLY A 144 -14.77 17.51 -1.37
N ARG A 145 -13.45 17.29 -1.45
CA ARG A 145 -12.90 15.94 -1.58
C ARG A 145 -13.02 15.10 -0.31
N GLN A 146 -13.06 15.76 0.85
CA GLN A 146 -13.07 15.05 2.13
C GLN A 146 -14.27 14.10 2.22
N ASN A 147 -15.35 14.47 1.53
CA ASN A 147 -16.56 13.68 1.51
C ASN A 147 -16.68 12.70 0.33
N PHE A 148 -15.63 12.59 -0.47
CA PHE A 148 -15.55 11.46 -1.41
C PHE A 148 -15.19 10.21 -0.62
N LEU A 149 -15.17 9.07 -1.30
CA LEU A 149 -14.71 7.83 -0.70
C LEU A 149 -13.20 7.89 -0.66
N GLN A 150 -12.59 7.50 0.46
CA GLN A 150 -11.13 7.45 0.56
C GLN A 150 -10.68 6.01 0.68
N THR A 151 -9.49 5.71 0.14
CA THR A 151 -8.94 4.38 0.18
C THR A 151 -7.43 4.48 0.17
N ASP A 152 -6.77 3.44 0.71
CA ASP A 152 -5.32 3.35 0.69
C ASP A 152 -4.84 2.48 -0.46
N ALA A 153 -5.75 2.00 -1.30
CA ALA A 153 -5.35 1.35 -2.54
C ALA A 153 -4.66 2.42 -3.38
N SER A 154 -3.51 2.10 -3.97
CA SER A 154 -2.78 3.10 -4.75
C SER A 154 -3.64 3.63 -5.90
N ILE A 155 -3.84 4.94 -5.93
CA ILE A 155 -4.58 5.60 -7.00
C ILE A 155 -3.62 6.54 -7.72
N ASN A 156 -3.35 6.25 -8.98
CA ASN A 156 -2.41 7.01 -9.78
C ASN A 156 -3.02 7.38 -11.11
N HIS A 157 -2.26 8.08 -11.95
CA HIS A 157 -2.75 8.50 -13.26
C HIS A 157 -3.12 7.29 -14.13
N GLY A 158 -2.58 6.14 -13.77
CA GLY A 158 -2.85 4.91 -14.49
C GLY A 158 -4.26 4.37 -14.32
N ASN A 159 -4.75 4.33 -13.08
CA ASN A 159 -6.08 3.80 -12.79
C ASN A 159 -7.19 4.86 -12.59
N SER A 160 -6.86 6.13 -12.78
CA SER A 160 -7.87 7.18 -12.65
C SER A 160 -8.97 7.06 -13.70
N GLY A 161 -10.22 7.14 -13.24
CA GLY A 161 -11.37 6.91 -14.08
C GLY A 161 -11.73 5.43 -14.10
N GLY A 162 -10.91 4.63 -13.43
CA GLY A 162 -11.10 3.20 -13.35
C GLY A 162 -12.01 2.82 -12.21
N ALA A 163 -12.14 1.53 -11.97
CA ALA A 163 -13.11 1.02 -10.99
C ALA A 163 -12.48 0.70 -9.64
N LEU A 164 -13.23 1.02 -8.59
CA LEU A 164 -12.97 0.51 -7.25
C LEU A 164 -14.05 -0.53 -6.94
N VAL A 165 -13.64 -1.78 -6.74
CA VAL A 165 -14.57 -2.87 -6.48
C VAL A 165 -14.27 -3.55 -5.15
N ASN A 166 -15.27 -4.22 -4.57
CA ASN A 166 -15.05 -4.97 -3.34
C ASN A 166 -14.63 -6.38 -3.71
N SER A 167 -14.55 -7.27 -2.72
CA SER A 167 -13.99 -8.59 -2.95
C SER A 167 -14.94 -9.49 -3.74
N LEU A 168 -16.17 -9.03 -3.94
CA LEU A 168 -17.12 -9.74 -4.77
C LEU A 168 -17.08 -9.23 -6.20
N GLY A 169 -16.27 -8.21 -6.46
CA GLY A 169 -16.22 -7.59 -7.76
C GLY A 169 -17.30 -6.54 -8.01
N GLU A 170 -18.03 -6.17 -6.94
CA GLU A 170 -19.09 -5.16 -7.05
C GLU A 170 -18.52 -3.76 -7.02
N LEU A 171 -19.04 -2.86 -7.86
CA LEU A 171 -18.46 -1.53 -7.95
C LEU A 171 -18.71 -0.73 -6.67
N MSE A 172 -17.64 -0.33 -6.00
CA MSE A 172 -17.69 0.62 -4.87
C MSE A 172 -17.63 2.08 -5.27
O MSE A 172 -18.22 2.94 -4.63
CB MSE A 172 -16.58 0.28 -3.88
CG MSE A 172 -16.78 -1.07 -3.22
SE MSE A 172 -18.37 -1.15 -2.08
CE MSE A 172 -19.65 -2.10 -3.25
H MSE A 172 -17.05 -0.16 -6.74
HA MSE A 172 -18.53 0.47 -4.40
HB2 MSE A 172 -16.56 0.95 -3.18
HB3 MSE A 172 -15.73 0.26 -4.35
HG2 MSE A 172 -16.01 -1.27 -2.67
HG3 MSE A 172 -16.88 -1.74 -3.92
HE1 MSE A 172 -20.49 -2.20 -2.78
HE2 MSE A 172 -19.79 -1.59 -4.06
HE3 MSE A 172 -19.29 -2.98 -3.47
N GLY A 173 -16.85 2.38 -6.31
CA GLY A 173 -16.72 3.75 -6.77
C GLY A 173 -15.86 3.89 -8.00
N ILE A 174 -15.72 5.13 -8.45
CA ILE A 174 -14.92 5.48 -9.60
C ILE A 174 -13.67 6.21 -9.13
N ASN A 175 -12.50 5.60 -9.32
CA ASN A 175 -11.25 6.23 -8.93
C ASN A 175 -11.10 7.60 -9.57
N THR A 176 -10.71 8.59 -8.77
CA THR A 176 -10.43 9.92 -9.27
C THR A 176 -9.14 10.47 -8.67
N LEU A 177 -8.17 10.80 -9.52
CA LEU A 177 -6.90 11.32 -9.03
C LEU A 177 -7.07 12.76 -8.55
N SER A 178 -6.61 13.02 -7.33
CA SER A 178 -6.78 14.33 -6.71
C SER A 178 -5.87 14.48 -5.49
N PRO A 188 -3.77 13.20 0.03
CA PRO A 188 -2.53 13.64 -0.62
C PRO A 188 -1.34 12.79 -0.20
N GLU A 189 -1.33 12.34 1.06
CA GLU A 189 -0.29 11.44 1.53
C GLU A 189 -0.83 10.01 1.57
N GLY A 190 -0.37 9.19 0.64
CA GLY A 190 -0.71 7.77 0.62
C GLY A 190 -2.19 7.46 0.65
N ILE A 191 -3.03 8.41 0.23
CA ILE A 191 -4.47 8.20 0.26
C ILE A 191 -5.12 8.63 -1.07
N GLY A 192 -5.93 7.73 -1.62
CA GLY A 192 -6.65 7.99 -2.86
C GLY A 192 -8.12 8.28 -2.64
N PHE A 193 -8.77 8.79 -3.67
CA PHE A 193 -10.18 9.17 -3.61
C PHE A 193 -10.96 8.50 -4.73
N ALA A 194 -12.25 8.28 -4.48
CA ALA A 194 -13.14 7.78 -5.50
C ALA A 194 -14.52 8.41 -5.28
N ILE A 195 -15.28 8.53 -6.36
CA ILE A 195 -16.68 8.92 -6.25
C ILE A 195 -17.48 7.70 -5.83
N PRO A 196 -18.23 7.78 -4.72
CA PRO A 196 -19.06 6.63 -4.34
C PRO A 196 -19.96 6.21 -5.49
N PHE A 197 -20.15 4.89 -5.69
CA PHE A 197 -20.88 4.42 -6.86
C PHE A 197 -22.32 4.97 -6.87
N GLN A 198 -22.92 5.12 -5.69
CA GLN A 198 -24.30 5.61 -5.59
C GLN A 198 -24.43 7.02 -6.14
N LEU A 199 -23.43 7.84 -5.89
CA LEU A 199 -23.38 9.18 -6.46
C LEU A 199 -23.01 9.13 -7.94
N ALA A 200 -22.07 8.27 -8.31
CA ALA A 200 -21.62 8.18 -9.69
C ALA A 200 -22.80 7.79 -10.59
N THR A 201 -23.64 6.89 -10.09
CA THR A 201 -24.82 6.47 -10.83
C THR A 201 -25.82 7.63 -10.99
N LYS A 202 -26.05 8.38 -9.93
CA LYS A 202 -26.96 9.53 -9.98
C LYS A 202 -26.46 10.55 -11.00
N ILE A 203 -25.16 10.83 -10.96
CA ILE A 203 -24.57 11.80 -11.87
C ILE A 203 -24.75 11.32 -13.31
N MSE A 204 -24.56 10.03 -13.55
CA MSE A 204 -24.68 9.52 -14.92
C MSE A 204 -26.10 9.64 -15.46
O MSE A 204 -26.29 10.03 -16.61
CB MSE A 204 -24.26 8.07 -15.00
CG MSE A 204 -24.52 7.46 -16.38
SE MSE A 204 -23.84 5.66 -16.54
CE MSE A 204 -24.89 4.82 -15.15
H MSE A 204 -24.26 9.45 -12.85
HA MSE A 204 -24.09 10.03 -15.49
HB2 MSE A 204 -24.75 7.55 -14.34
HB3 MSE A 204 -23.31 8.00 -14.82
HG2 MSE A 204 -24.10 8.01 -17.05
HG3 MSE A 204 -25.48 7.43 -16.53
HE1 MSE A 204 -24.65 3.88 -15.10
HE2 MSE A 204 -24.70 5.26 -14.30
HE3 MSE A 204 -25.83 4.91 -15.36
N ASP A 205 -27.09 9.30 -14.64
CA ASP A 205 -28.49 9.40 -15.05
C ASP A 205 -28.87 10.85 -15.36
N LYS A 206 -28.36 11.78 -14.55
CA LYS A 206 -28.62 13.20 -14.78
C LYS A 206 -27.91 13.71 -16.03
N LEU A 207 -26.70 13.24 -16.29
CA LEU A 207 -25.97 13.65 -17.48
C LEU A 207 -26.61 13.09 -18.74
N ILE A 208 -27.15 11.87 -18.64
CA ILE A 208 -27.83 11.27 -19.77
C ILE A 208 -29.08 12.08 -20.11
N ARG A 209 -29.87 12.41 -19.09
CA ARG A 209 -31.11 13.16 -19.28
C ARG A 209 -30.89 14.60 -19.76
N ASP A 210 -30.16 15.38 -18.98
CA ASP A 210 -30.03 16.81 -19.22
C ASP A 210 -28.76 17.28 -19.94
N GLY A 211 -27.82 16.36 -20.18
CA GLY A 211 -26.54 16.76 -20.75
C GLY A 211 -25.64 17.51 -19.76
N ARG A 212 -26.14 17.77 -18.57
CA ARG A 212 -25.36 18.40 -17.51
C ARG A 212 -26.00 18.10 -16.16
N VAL A 213 -25.26 18.30 -15.07
CA VAL A 213 -25.82 18.07 -13.74
C VAL A 213 -26.42 19.37 -13.18
N ILE A 214 -27.74 19.39 -13.02
CA ILE A 214 -28.46 20.55 -12.50
C ILE A 214 -28.66 20.42 -10.99
N ARG A 215 -28.03 21.31 -10.23
CA ARG A 215 -28.14 21.31 -8.78
C ARG A 215 -28.98 22.50 -8.29
N GLY A 216 -29.76 22.27 -7.24
CA GLY A 216 -30.46 23.37 -6.59
C GLY A 216 -29.53 24.08 -5.62
N TYR A 217 -29.67 25.39 -5.53
CA TYR A 217 -28.80 26.20 -4.69
C TYR A 217 -29.62 27.21 -3.90
N ILE A 218 -29.58 27.10 -2.57
CA ILE A 218 -30.28 28.06 -1.71
C ILE A 218 -29.39 29.21 -1.24
N GLY A 219 -28.08 29.09 -1.46
CA GLY A 219 -27.13 30.09 -1.01
C GLY A 219 -27.12 30.36 0.49
N ILE A 220 -26.92 29.32 1.28
CA ILE A 220 -26.86 29.45 2.74
C ILE A 220 -25.78 28.56 3.37
N GLY A 221 -24.97 29.16 4.24
CA GLY A 221 -24.09 28.40 5.11
C GLY A 221 -24.69 28.25 6.50
N GLY A 222 -24.21 27.26 7.26
CA GLY A 222 -24.65 27.09 8.63
C GLY A 222 -24.28 25.73 9.21
N ARG A 223 -24.40 25.61 10.52
CA ARG A 223 -24.18 24.34 11.21
C ARG A 223 -25.15 24.20 12.38
N GLU A 224 -25.76 23.03 12.50
CA GLU A 224 -26.71 22.76 13.58
C GLU A 224 -26.01 22.70 14.93
N ILE A 225 -26.75 22.99 15.99
CA ILE A 225 -26.19 22.99 17.34
C ILE A 225 -25.93 21.57 17.83
N GLY A 240 -32.67 22.60 15.02
CA GLY A 240 -32.60 23.63 14.00
C GLY A 240 -31.20 23.80 13.44
N ILE A 241 -31.06 24.72 12.49
CA ILE A 241 -29.77 25.00 11.86
C ILE A 241 -29.47 26.48 11.88
N VAL A 242 -28.39 26.85 12.56
CA VAL A 242 -27.99 28.25 12.69
C VAL A 242 -27.34 28.74 11.40
N VAL A 243 -27.82 29.86 10.89
CA VAL A 243 -27.24 30.44 9.67
C VAL A 243 -25.98 31.23 10.01
N ASN A 244 -24.85 30.79 9.48
CA ASN A 244 -23.59 31.49 9.65
C ASN A 244 -23.42 32.63 8.64
N GLU A 245 -23.85 32.38 7.41
CA GLU A 245 -23.64 33.33 6.30
C GLU A 245 -24.74 33.21 5.25
N VAL A 246 -24.95 34.31 4.52
CA VAL A 246 -25.94 34.35 3.44
C VAL A 246 -25.28 34.94 2.20
N SER A 247 -25.27 34.16 1.11
CA SER A 247 -24.62 34.56 -0.12
C SER A 247 -25.29 35.82 -0.70
N PRO A 248 -24.48 36.76 -1.24
CA PRO A 248 -25.06 37.97 -1.83
C PRO A 248 -25.82 37.69 -3.12
N ASP A 249 -26.95 38.37 -3.31
CA ASP A 249 -27.81 38.14 -4.48
C ASP A 249 -28.21 36.67 -4.57
N GLY A 250 -28.29 36.01 -3.41
CA GLY A 250 -28.68 34.62 -3.36
C GLY A 250 -30.17 34.47 -3.11
N PRO A 251 -30.71 33.26 -3.31
CA PRO A 251 -32.13 32.98 -3.06
C PRO A 251 -32.54 33.27 -1.62
N ALA A 252 -31.67 32.97 -0.68
CA ALA A 252 -31.94 33.21 0.72
C ALA A 252 -32.01 34.71 1.03
N ALA A 253 -31.08 35.46 0.45
CA ALA A 253 -31.02 36.90 0.66
C ALA A 253 -32.27 37.59 0.12
N ASN A 254 -32.73 37.16 -1.06
CA ASN A 254 -33.89 37.76 -1.70
C ASN A 254 -35.18 37.41 -0.97
N ALA A 255 -35.18 36.26 -0.30
CA ALA A 255 -36.35 35.81 0.44
C ALA A 255 -36.50 36.55 1.78
N GLY A 256 -35.41 37.16 2.23
CA GLY A 256 -35.41 37.90 3.48
C GLY A 256 -34.71 37.21 4.63
N ILE A 257 -34.15 36.03 4.37
CA ILE A 257 -33.39 35.32 5.39
C ILE A 257 -32.19 36.16 5.83
N GLN A 258 -31.88 36.13 7.12
CA GLN A 258 -30.81 36.94 7.69
C GLN A 258 -29.85 36.08 8.52
N VAL A 259 -28.66 36.61 8.77
CA VAL A 259 -27.66 35.91 9.56
C VAL A 259 -28.17 35.70 10.98
N ASN A 260 -27.69 34.64 11.63
CA ASN A 260 -28.07 34.30 13.00
C ASN A 260 -29.49 33.74 13.08
N ASP A 261 -30.20 33.74 11.96
CA ASP A 261 -31.54 33.16 11.92
C ASP A 261 -31.44 31.65 12.07
N LEU A 262 -32.49 31.05 12.63
CA LEU A 262 -32.52 29.61 12.86
C LEU A 262 -33.57 28.96 11.96
N ILE A 263 -33.12 28.08 11.06
CA ILE A 263 -34.04 27.41 10.14
C ILE A 263 -34.46 26.07 10.74
N ILE A 264 -35.72 25.97 11.15
CA ILE A 264 -36.25 24.75 11.74
C ILE A 264 -36.91 23.82 10.71
N SER A 265 -37.16 24.34 9.51
CA SER A 265 -37.75 23.54 8.44
C SER A 265 -37.37 24.07 7.06
N VAL A 266 -37.22 23.16 6.11
CA VAL A 266 -36.95 23.52 4.72
C VAL A 266 -37.81 22.66 3.80
N ASP A 267 -38.64 23.30 2.98
CA ASP A 267 -39.55 22.61 2.06
C ASP A 267 -40.35 21.53 2.79
N ASN A 268 -40.93 21.91 3.91
CA ASN A 268 -41.76 21.03 4.74
C ASN A 268 -41.01 19.79 5.25
N LYS A 269 -39.69 19.90 5.30
CA LYS A 269 -38.84 18.85 5.85
C LYS A 269 -38.08 19.36 7.07
N PRO A 270 -38.31 18.76 8.26
CA PRO A 270 -37.57 19.17 9.45
C PRO A 270 -36.07 19.16 9.22
N ALA A 271 -35.37 20.22 9.62
CA ALA A 271 -33.93 20.26 9.41
C ALA A 271 -33.17 19.97 10.70
N ILE A 272 -32.63 18.76 10.78
CA ILE A 272 -31.77 18.35 11.89
C ILE A 272 -30.28 18.49 11.60
N SER A 273 -29.94 18.72 10.33
CA SER A 273 -28.55 18.69 9.89
C SER A 273 -28.29 19.63 8.72
N ALA A 274 -27.14 20.27 8.72
CA ALA A 274 -26.78 21.19 7.64
C ALA A 274 -26.46 20.41 6.37
N LEU A 275 -25.61 19.40 6.47
CA LEU A 275 -25.21 18.60 5.32
C LEU A 275 -26.43 17.92 4.70
N GLU A 276 -27.33 17.40 5.54
CA GLU A 276 -28.51 16.70 5.07
C GLU A 276 -29.46 17.65 4.31
N THR A 277 -29.59 18.87 4.83
CA THR A 277 -30.50 19.85 4.26
C THR A 277 -30.02 20.38 2.91
N MSE A 278 -28.73 20.61 2.78
CA MSE A 278 -28.16 21.12 1.53
C MSE A 278 -28.20 20.06 0.43
O MSE A 278 -28.19 20.38 -0.76
CB MSE A 278 -26.73 21.60 1.74
CG MSE A 278 -26.59 22.71 2.76
SE MSE A 278 -27.68 24.29 2.37
CE MSE A 278 -26.66 24.98 0.86
H MSE A 278 -28.14 20.47 3.39
HA MSE A 278 -28.69 21.88 1.24
HB2 MSE A 278 -26.39 21.94 0.90
HB3 MSE A 278 -26.19 20.86 2.04
HG2 MSE A 278 -25.67 23.01 2.80
HG3 MSE A 278 -26.87 22.38 3.64
HE1 MSE A 278 -27.08 25.79 0.54
HE2 MSE A 278 -25.75 25.17 1.16
HE3 MSE A 278 -26.64 24.32 0.16
N ASP A 279 -28.26 18.78 0.82
CA ASP A 279 -28.46 17.70 -0.13
C ASP A 279 -29.89 17.72 -0.65
N GLN A 280 -30.84 18.03 0.24
CA GLN A 280 -32.24 18.12 -0.15
C GLN A 280 -32.46 19.27 -1.14
N VAL A 281 -31.82 20.40 -0.87
CA VAL A 281 -31.91 21.56 -1.74
C VAL A 281 -31.36 21.26 -3.12
N ALA A 282 -30.28 20.49 -3.15
CA ALA A 282 -29.61 20.17 -4.42
C ALA A 282 -30.53 19.36 -5.33
N GLU A 283 -31.36 18.51 -4.76
CA GLU A 283 -32.30 17.70 -5.54
C GLU A 283 -33.46 18.55 -6.09
N ILE A 284 -33.78 19.64 -5.40
CA ILE A 284 -34.88 20.50 -5.82
C ILE A 284 -34.55 21.23 -7.11
N ARG A 285 -35.44 21.12 -8.09
CA ARG A 285 -35.21 21.68 -9.41
C ARG A 285 -35.30 23.20 -9.37
N PRO A 286 -34.37 23.89 -10.06
CA PRO A 286 -34.40 25.35 -10.12
C PRO A 286 -35.75 25.91 -10.58
N GLY A 287 -36.15 27.04 -9.99
CA GLY A 287 -37.42 27.65 -10.29
C GLY A 287 -38.50 27.25 -9.30
N SER A 288 -38.22 26.22 -8.52
CA SER A 288 -39.15 25.73 -7.51
C SER A 288 -39.21 26.68 -6.31
N VAL A 289 -40.41 27.06 -5.91
CA VAL A 289 -40.61 27.87 -4.70
C VAL A 289 -40.92 26.96 -3.52
N ILE A 290 -40.19 27.12 -2.43
CA ILE A 290 -40.39 26.29 -1.24
C ILE A 290 -40.49 27.13 0.03
N PRO A 291 -41.31 26.69 0.99
CA PRO A 291 -41.35 27.38 2.28
C PRO A 291 -40.10 27.12 3.13
N VAL A 292 -39.54 28.18 3.71
CA VAL A 292 -38.46 28.03 4.68
C VAL A 292 -38.91 28.64 6.00
N VAL A 293 -39.11 27.78 6.99
CA VAL A 293 -39.55 28.23 8.31
C VAL A 293 -38.34 28.58 9.16
N VAL A 294 -38.37 29.77 9.77
CA VAL A 294 -37.30 30.21 10.64
C VAL A 294 -37.87 30.96 11.85
N MSE A 295 -37.25 30.78 13.02
CA MSE A 295 -37.69 31.44 14.24
C MSE A 295 -36.71 32.52 14.66
O MSE A 295 -35.49 32.37 14.54
CB MSE A 295 -37.87 30.43 15.37
CG MSE A 295 -38.88 29.33 15.08
SE MSE A 295 -39.57 28.47 16.69
CE MSE A 295 -40.57 29.98 17.42
H MSE A 295 -36.56 30.28 13.12
HA MSE A 295 -38.56 31.84 14.08
HB2 MSE A 295 -38.16 30.89 16.17
HB3 MSE A 295 -37.00 30.00 15.55
HG2 MSE A 295 -38.45 28.64 14.54
HG3 MSE A 295 -39.63 29.71 14.59
HE1 MSE A 295 -39.96 30.71 17.58
HE2 MSE A 295 -41.25 30.24 16.78
HE3 MSE A 295 -40.99 29.70 18.25
N GLN A 300 -41.74 33.19 14.61
CA GLN A 300 -41.69 32.26 13.50
C GLN A 300 -42.12 32.92 12.19
N LEU A 301 -41.16 33.14 11.30
CA LEU A 301 -41.43 33.71 9.98
C LEU A 301 -41.31 32.67 8.87
N THR A 302 -42.37 32.53 8.09
CA THR A 302 -42.35 31.65 6.92
C THR A 302 -42.01 32.45 5.67
N LEU A 303 -40.86 32.13 5.08
CA LEU A 303 -40.38 32.81 3.88
C LEU A 303 -40.52 31.93 2.65
N GLN A 304 -40.81 32.55 1.51
CA GLN A 304 -40.92 31.84 0.24
C GLN A 304 -39.66 32.05 -0.59
N VAL A 305 -38.88 30.99 -0.73
CA VAL A 305 -37.59 31.04 -1.40
C VAL A 305 -37.68 30.43 -2.79
N THR A 306 -37.06 31.08 -3.77
CA THR A 306 -37.00 30.56 -5.14
C THR A 306 -35.63 29.95 -5.39
N ILE A 307 -35.60 28.63 -5.54
CA ILE A 307 -34.35 27.91 -5.74
C ILE A 307 -33.73 28.29 -7.08
N GLN A 308 -32.40 28.41 -7.09
CA GLN A 308 -31.67 28.78 -8.31
C GLN A 308 -30.62 27.72 -8.63
N GLU A 309 -30.17 27.74 -9.88
CA GLU A 309 -29.13 26.81 -10.32
C GLU A 309 -27.80 27.13 -9.66
N TYR A 310 -27.05 26.08 -9.31
CA TYR A 310 -25.74 26.24 -8.69
C TYR A 310 -24.82 27.00 -9.65
N PRO A 311 -23.89 27.81 -9.11
CA PRO A 311 -22.90 28.52 -9.92
C PRO A 311 -22.31 27.69 -11.07
N MSE B 1 -12.58 -15.62 18.69
CA MSE B 1 -12.09 -15.57 17.32
C MSE B 1 -10.57 -15.56 17.29
O MSE B 1 -9.92 -15.56 18.34
CB MSE B 1 -12.63 -14.35 16.58
CG MSE B 1 -14.14 -14.16 16.69
SE MSE B 1 -14.75 -12.47 15.95
CE MSE B 1 -14.13 -12.70 14.13
HA MSE B 1 -12.41 -16.36 16.85
HB2 MSE B 1 -12.42 -14.43 15.63
HB3 MSE B 1 -12.22 -13.56 16.94
HG2 MSE B 1 -14.40 -14.19 17.62
HG3 MSE B 1 -14.58 -14.87 16.20
HE1 MSE B 1 -14.37 -11.91 13.62
HE2 MSE B 1 -13.17 -12.82 14.13
HE3 MSE B 1 -14.57 -13.49 13.75
N THR B 2 -10.01 -15.55 16.08
CA THR B 2 -8.56 -15.48 15.89
C THR B 2 -8.22 -14.28 15.00
N PRO B 3 -7.14 -13.56 15.30
CA PRO B 3 -6.81 -12.40 14.45
C PRO B 3 -6.36 -12.83 13.06
N ALA B 4 -6.80 -12.10 12.04
CA ALA B 4 -6.36 -12.35 10.67
C ALA B 4 -4.85 -12.19 10.58
N SER B 5 -4.18 -13.20 10.04
CA SER B 5 -2.73 -13.21 10.00
C SER B 5 -2.12 -13.99 8.83
N TYR B 6 -1.03 -13.45 8.28
CA TYR B 6 -0.19 -14.13 7.32
C TYR B 6 1.05 -14.78 7.96
N ASN B 7 1.10 -14.79 9.28
CA ASN B 7 2.27 -15.32 10.01
C ASN B 7 2.69 -16.72 9.56
N LEU B 8 1.74 -17.55 9.16
CA LEU B 8 2.05 -18.87 8.63
C LEU B 8 3.02 -18.76 7.45
N ALA B 9 2.71 -17.88 6.50
CA ALA B 9 3.59 -17.65 5.36
C ALA B 9 4.95 -17.14 5.81
N VAL B 10 4.96 -16.33 6.87
CA VAL B 10 6.20 -15.76 7.38
C VAL B 10 7.10 -16.84 7.97
N ARG B 11 6.52 -17.75 8.75
CA ARG B 11 7.30 -18.80 9.43
C ARG B 11 7.90 -19.79 8.43
N ARG B 12 7.18 -20.04 7.35
CA ARG B 12 7.65 -20.98 6.34
C ARG B 12 8.76 -20.39 5.45
N ALA B 13 8.62 -19.11 5.11
CA ALA B 13 9.41 -18.47 4.05
C ALA B 13 10.60 -17.70 4.61
N ALA B 14 10.33 -16.75 5.51
CA ALA B 14 11.32 -15.81 6.01
C ALA B 14 12.68 -16.41 6.42
N PRO B 15 12.70 -17.61 7.05
CA PRO B 15 14.02 -18.15 7.38
C PRO B 15 14.94 -18.34 6.16
N ALA B 16 14.36 -18.49 4.97
CA ALA B 16 15.14 -18.72 3.76
C ALA B 16 15.64 -17.44 3.09
N VAL B 17 15.23 -16.28 3.60
CA VAL B 17 15.63 -15.00 3.02
C VAL B 17 16.82 -14.44 3.77
N VAL B 18 17.89 -14.16 3.05
CA VAL B 18 19.20 -13.86 3.66
C VAL B 18 19.69 -12.47 3.30
N ASN B 19 20.61 -11.95 4.11
CA ASN B 19 21.34 -10.73 3.80
C ASN B 19 22.51 -11.05 2.88
N VAL B 20 22.69 -10.24 1.85
CA VAL B 20 23.83 -10.39 0.95
C VAL B 20 24.71 -9.15 1.05
N TYR B 21 26.01 -9.36 1.30
CA TYR B 21 26.97 -8.29 1.48
C TYR B 21 28.02 -8.28 0.36
N ASN B 22 27.99 -7.24 -0.46
CA ASN B 22 29.02 -7.03 -1.48
C ASN B 22 30.13 -6.15 -0.92
N ARG B 23 31.35 -6.69 -0.88
CA ARG B 23 32.50 -5.97 -0.35
C ARG B 23 33.59 -5.82 -1.40
N GLY B 24 34.19 -4.63 -1.45
CA GLY B 24 35.29 -4.35 -2.36
C GLY B 24 36.42 -3.61 -1.69
N GLU B 34 35.56 -2.57 3.28
CA GLU B 34 34.33 -1.80 3.20
C GLU B 34 33.27 -2.56 2.40
N ILE B 35 32.01 -2.14 2.55
CA ILE B 35 30.88 -2.78 1.89
C ILE B 35 30.31 -1.87 0.81
N ARG B 36 30.50 -2.25 -0.46
CA ARG B 36 30.06 -1.44 -1.58
C ARG B 36 28.54 -1.43 -1.72
N THR B 37 27.91 -2.60 -1.53
CA THR B 37 26.48 -2.74 -1.75
C THR B 37 25.87 -3.76 -0.79
N LEU B 38 24.56 -3.60 -0.53
CA LEU B 38 23.81 -4.55 0.28
C LEU B 38 22.60 -5.05 -0.51
N GLY B 39 22.02 -6.15 -0.05
CA GLY B 39 20.90 -6.76 -0.73
C GLY B 39 20.30 -7.92 0.03
N SER B 40 19.36 -8.59 -0.62
CA SER B 40 18.70 -9.76 -0.07
C SER B 40 18.89 -10.92 -1.03
N GLY B 41 18.69 -12.14 -0.54
CA GLY B 41 18.74 -13.31 -1.39
C GLY B 41 17.81 -14.38 -0.85
N VAL B 42 17.59 -15.40 -1.67
CA VAL B 42 16.68 -16.48 -1.35
C VAL B 42 17.40 -17.84 -1.50
N ILE B 43 17.51 -18.61 -0.42
CA ILE B 43 18.02 -19.96 -0.54
C ILE B 43 16.98 -20.81 -1.26
N MSE B 44 17.37 -21.34 -2.41
CA MSE B 44 16.51 -22.16 -3.27
C MSE B 44 16.41 -23.65 -2.92
O MSE B 44 15.36 -24.26 -3.09
CB MSE B 44 16.96 -22.00 -4.71
CG MSE B 44 17.08 -20.55 -5.13
SE MSE B 44 15.44 -19.54 -4.75
CE MSE B 44 14.29 -20.55 -5.92
H MSE B 44 18.29 -21.22 -2.64
HA MSE B 44 15.61 -21.79 -3.23
HB2 MSE B 44 16.34 -22.44 -5.30
HB3 MSE B 44 17.85 -22.41 -4.80
HG2 MSE B 44 17.25 -20.49 -6.07
HG3 MSE B 44 17.80 -20.13 -4.63
HE1 MSE B 44 13.40 -20.18 -5.87
HE2 MSE B 44 14.63 -20.49 -6.82
HE3 MSE B 44 14.28 -21.47 -5.63
N ASP B 45 17.52 -24.24 -2.49
CA ASP B 45 17.55 -25.67 -2.19
C ASP B 45 18.64 -26.03 -1.19
N GLN B 46 18.53 -27.24 -0.64
CA GLN B 46 19.47 -27.76 0.35
C GLN B 46 20.94 -27.78 -0.11
N ARG B 47 21.18 -27.85 -1.41
CA ARG B 47 22.56 -27.85 -1.89
C ARG B 47 23.26 -26.53 -1.54
N GLY B 48 22.47 -25.50 -1.25
CA GLY B 48 23.02 -24.20 -0.88
C GLY B 48 23.07 -23.17 -1.99
N TYR B 49 22.30 -23.37 -3.06
CA TYR B 49 22.22 -22.34 -4.09
C TYR B 49 21.26 -21.23 -3.65
N ILE B 50 21.67 -20.00 -3.96
CA ILE B 50 20.97 -18.79 -3.52
C ILE B 50 20.73 -17.86 -4.69
N ILE B 51 19.51 -17.33 -4.81
CA ILE B 51 19.23 -16.34 -5.84
C ILE B 51 19.20 -14.94 -5.21
N THR B 52 19.78 -13.99 -5.94
CA THR B 52 19.82 -12.60 -5.55
C THR B 52 19.79 -11.75 -6.81
N ASN B 53 20.02 -10.45 -6.69
CA ASN B 53 20.04 -9.57 -7.86
C ASN B 53 21.46 -9.39 -8.38
N LYS B 54 21.59 -9.31 -9.70
CA LYS B 54 22.89 -9.04 -10.30
C LYS B 54 23.48 -7.71 -9.81
N HIS B 55 22.65 -6.67 -9.73
CA HIS B 55 23.16 -5.34 -9.40
C HIS B 55 23.68 -5.27 -7.96
N VAL B 56 23.23 -6.20 -7.13
CA VAL B 56 23.70 -6.28 -5.76
C VAL B 56 25.14 -6.81 -5.70
N ILE B 57 25.43 -7.85 -6.47
CA ILE B 57 26.73 -8.54 -6.40
C ILE B 57 27.74 -8.06 -7.44
N ASN B 58 27.34 -7.09 -8.26
CA ASN B 58 28.23 -6.55 -9.29
C ASN B 58 29.55 -6.02 -8.73
N ASP B 59 30.65 -6.39 -9.39
CA ASP B 59 31.99 -5.93 -9.02
C ASP B 59 32.31 -6.26 -7.56
N ALA B 60 31.93 -7.47 -7.14
CA ALA B 60 32.17 -7.91 -5.78
C ALA B 60 33.48 -8.67 -5.67
N ASP B 61 34.35 -8.22 -4.76
CA ASP B 61 35.60 -8.92 -4.49
C ASP B 61 35.33 -10.11 -3.57
N GLN B 62 34.46 -9.90 -2.58
CA GLN B 62 34.02 -10.98 -1.69
C GLN B 62 32.53 -10.83 -1.36
N ILE B 63 31.78 -11.93 -1.48
CA ILE B 63 30.36 -11.95 -1.20
C ILE B 63 30.07 -12.78 0.05
N ILE B 64 29.31 -12.20 0.98
CA ILE B 64 28.99 -12.85 2.24
C ILE B 64 27.48 -12.96 2.41
N VAL B 65 27.06 -14.10 2.96
CA VAL B 65 25.65 -14.39 3.15
C VAL B 65 25.38 -14.61 4.63
N ALA B 66 24.35 -13.97 5.15
CA ALA B 66 23.99 -14.08 6.56
C ALA B 66 22.55 -14.53 6.72
N LEU B 67 22.38 -15.69 7.36
CA LEU B 67 21.06 -16.23 7.65
C LEU B 67 20.45 -15.60 8.90
N GLN B 68 19.14 -15.59 8.98
CA GLN B 68 18.44 -15.05 10.14
C GLN B 68 18.80 -15.78 11.44
N ASP B 69 19.25 -17.03 11.32
CA ASP B 69 19.56 -17.82 12.50
C ASP B 69 20.97 -17.50 13.01
N GLY B 70 21.63 -16.55 12.34
CA GLY B 70 22.92 -16.05 12.78
C GLY B 70 24.11 -16.59 11.99
N ARG B 71 23.94 -17.74 11.35
CA ARG B 71 25.03 -18.32 10.57
C ARG B 71 25.46 -17.38 9.45
N VAL B 72 26.76 -17.36 9.18
CA VAL B 72 27.33 -16.55 8.11
C VAL B 72 28.22 -17.39 7.19
N PHE B 73 28.07 -17.18 5.89
CA PHE B 73 28.81 -17.96 4.90
C PHE B 73 29.49 -17.07 3.85
N GLU B 74 30.64 -17.51 3.36
CA GLU B 74 31.24 -16.89 2.20
C GLU B 74 30.65 -17.57 0.96
N ALA B 75 30.28 -16.77 -0.03
CA ALA B 75 29.54 -17.27 -1.17
C ALA B 75 30.35 -17.24 -2.45
N LEU B 76 30.18 -18.28 -3.25
CA LEU B 76 30.75 -18.34 -4.58
C LEU B 76 29.75 -17.77 -5.58
N LEU B 77 30.23 -16.96 -6.51
CA LEU B 77 29.36 -16.41 -7.55
C LEU B 77 29.31 -17.37 -8.72
N VAL B 78 28.15 -17.96 -8.93
CA VAL B 78 27.98 -18.97 -9.95
C VAL B 78 27.83 -18.31 -11.30
N GLY B 79 27.07 -17.21 -11.32
CA GLY B 79 26.83 -16.46 -12.55
C GLY B 79 25.73 -15.44 -12.38
N SER B 80 25.42 -14.72 -13.46
CA SER B 80 24.41 -13.69 -13.42
C SER B 80 23.81 -13.46 -14.80
N ASP B 81 22.65 -12.81 -14.82
CA ASP B 81 21.93 -12.52 -16.05
C ASP B 81 21.41 -11.09 -16.05
N SER B 82 21.87 -10.29 -17.02
CA SER B 82 21.52 -8.87 -17.08
C SER B 82 20.05 -8.65 -17.37
N LEU B 83 19.50 -9.44 -18.28
CA LEU B 83 18.13 -9.26 -18.73
C LEU B 83 17.10 -9.43 -17.61
N THR B 84 17.33 -10.41 -16.74
CA THR B 84 16.44 -10.66 -15.60
C THR B 84 16.95 -10.04 -14.30
N ASP B 85 18.11 -9.39 -14.37
CA ASP B 85 18.74 -8.84 -13.16
C ASP B 85 18.90 -9.93 -12.07
N LEU B 86 19.17 -11.17 -12.49
CA LEU B 86 19.33 -12.25 -11.52
C LEU B 86 20.79 -12.68 -11.42
N ALA B 87 21.16 -13.15 -10.23
CA ALA B 87 22.44 -13.79 -10.03
C ALA B 87 22.28 -14.97 -9.07
N VAL B 88 23.20 -15.92 -9.16
CA VAL B 88 23.17 -17.11 -8.31
C VAL B 88 24.45 -17.23 -7.51
N LEU B 89 24.28 -17.48 -6.22
CA LEU B 89 25.39 -17.72 -5.32
C LEU B 89 25.31 -19.16 -4.82
N LYS B 90 26.46 -19.71 -4.42
CA LYS B 90 26.46 -20.99 -3.73
C LYS B 90 27.26 -20.90 -2.43
N ILE B 91 26.73 -21.53 -1.40
CA ILE B 91 27.41 -21.63 -0.13
C ILE B 91 27.47 -23.11 0.25
N ASN B 92 28.53 -23.49 0.96
CA ASN B 92 28.65 -24.84 1.48
C ASN B 92 28.23 -24.89 2.94
N ALA B 93 27.08 -25.51 3.21
CA ALA B 93 26.58 -25.67 4.56
C ALA B 93 26.22 -27.13 4.84
N THR B 94 26.95 -27.75 5.75
CA THR B 94 26.71 -29.14 6.11
C THR B 94 25.72 -29.27 7.27
N GLY B 95 25.40 -28.14 7.90
CA GLY B 95 24.49 -28.12 9.03
C GLY B 95 23.03 -28.04 8.64
N GLY B 96 22.76 -28.13 7.34
CA GLY B 96 21.40 -28.06 6.85
C GLY B 96 20.99 -26.60 6.70
N LEU B 97 20.12 -26.33 5.74
CA LEU B 97 19.72 -24.96 5.44
C LEU B 97 18.20 -24.81 5.41
N PRO B 98 17.69 -23.64 5.80
CA PRO B 98 16.29 -23.35 5.50
C PRO B 98 16.14 -23.12 4.00
N THR B 99 15.13 -23.70 3.37
CA THR B 99 14.89 -23.44 1.96
C THR B 99 13.52 -22.77 1.77
N ILE B 100 13.39 -21.98 0.71
CA ILE B 100 12.12 -21.30 0.43
C ILE B 100 11.13 -22.34 -0.08
N PRO B 101 9.88 -22.30 0.41
CA PRO B 101 8.92 -23.26 -0.16
C PRO B 101 8.65 -22.98 -1.63
N ILE B 102 8.67 -24.03 -2.43
CA ILE B 102 8.44 -23.90 -3.86
C ILE B 102 7.44 -24.95 -4.30
N ASN B 103 6.41 -24.49 -5.01
CA ASN B 103 5.45 -25.40 -5.60
C ASN B 103 5.37 -25.13 -7.10
N ALA B 104 5.86 -26.09 -7.88
CA ALA B 104 6.06 -25.89 -9.30
C ALA B 104 4.75 -26.01 -10.08
N ARG B 105 3.74 -26.59 -9.45
CA ARG B 105 2.42 -26.74 -10.06
C ARG B 105 1.45 -25.63 -9.67
N ARG B 106 1.89 -24.73 -8.80
CA ARG B 106 1.05 -23.62 -8.37
C ARG B 106 0.98 -22.62 -9.50
N VAL B 107 -0.24 -22.28 -9.90
CA VAL B 107 -0.46 -21.27 -10.92
C VAL B 107 -0.79 -19.95 -10.22
N PRO B 108 0.12 -18.95 -10.31
CA PRO B 108 -0.17 -17.63 -9.76
C PRO B 108 -1.33 -16.95 -10.50
N HIS B 109 -2.24 -16.33 -9.75
CA HIS B 109 -3.35 -15.57 -10.31
C HIS B 109 -3.30 -14.11 -9.91
N ILE B 110 -3.72 -13.24 -10.83
CA ILE B 110 -3.93 -11.83 -10.51
C ILE B 110 -4.88 -11.72 -9.33
N GLY B 111 -4.50 -10.92 -8.33
CA GLY B 111 -5.29 -10.78 -7.12
C GLY B 111 -4.84 -11.66 -5.95
N ASP B 112 -3.94 -12.61 -6.21
CA ASP B 112 -3.36 -13.40 -5.13
C ASP B 112 -2.67 -12.49 -4.14
N VAL B 113 -2.85 -12.76 -2.85
CA VAL B 113 -2.15 -12.03 -1.82
C VAL B 113 -0.70 -12.50 -1.79
N VAL B 114 0.21 -11.55 -1.71
CA VAL B 114 1.63 -11.85 -1.65
C VAL B 114 2.30 -11.04 -0.54
N LEU B 115 3.35 -11.62 0.04
CA LEU B 115 4.20 -10.92 0.97
C LEU B 115 5.57 -10.74 0.36
N ALA B 116 6.11 -9.54 0.47
CA ALA B 116 7.47 -9.26 0.04
C ALA B 116 8.41 -9.33 1.25
N ILE B 117 9.37 -10.23 1.21
CA ILE B 117 10.27 -10.45 2.33
C ILE B 117 11.66 -10.02 1.95
N GLY B 118 12.29 -9.23 2.81
CA GLY B 118 13.65 -8.81 2.57
C GLY B 118 14.39 -8.66 3.88
N ASN B 119 15.71 -8.78 3.78
CA ASN B 119 16.58 -8.90 4.94
C ASN B 119 17.78 -7.99 4.79
N ASN B 122 19.46 -3.01 7.31
CA ASN B 122 19.02 -1.99 8.24
C ASN B 122 17.57 -2.24 8.67
N LEU B 123 17.26 -2.00 9.95
CA LEU B 123 15.92 -2.22 10.49
C LEU B 123 15.48 -3.68 10.36
N GLY B 124 16.45 -4.60 10.28
CA GLY B 124 16.17 -6.03 10.28
C GLY B 124 15.38 -6.53 9.08
N GLN B 125 14.87 -7.75 9.21
CA GLN B 125 14.06 -8.34 8.15
C GLN B 125 12.69 -7.65 8.08
N THR B 126 12.29 -7.29 6.86
CA THR B 126 11.05 -6.57 6.66
C THR B 126 10.09 -7.36 5.79
N ILE B 127 8.81 -7.30 6.14
CA ILE B 127 7.76 -8.01 5.44
C ILE B 127 6.62 -7.06 5.11
N THR B 128 6.25 -6.98 3.84
CA THR B 128 5.16 -6.12 3.40
C THR B 128 4.15 -6.92 2.58
N GLN B 129 2.91 -6.44 2.54
CA GLN B 129 1.81 -7.20 1.97
C GLN B 129 1.10 -6.45 0.86
N GLY B 130 0.69 -7.22 -0.14
CA GLY B 130 0.13 -6.69 -1.37
C GLY B 130 -0.54 -7.80 -2.14
N ILE B 131 -0.78 -7.55 -3.42
CA ILE B 131 -1.35 -8.57 -4.28
C ILE B 131 -0.57 -8.64 -5.57
N ILE B 132 -0.80 -9.69 -6.34
CA ILE B 132 -0.27 -9.75 -7.68
C ILE B 132 -1.14 -8.86 -8.55
N SER B 133 -0.53 -7.83 -9.11
CA SER B 133 -1.21 -6.93 -10.01
CA SER B 133 -1.22 -6.94 -10.02
C SER B 133 -1.25 -7.51 -11.43
N ALA B 134 -0.15 -8.15 -11.82
CA ALA B 134 -0.04 -8.84 -13.10
C ALA B 134 0.96 -9.98 -12.99
N THR B 135 0.68 -11.08 -13.67
CA THR B 135 1.46 -12.30 -13.50
C THR B 135 2.82 -12.30 -14.21
N GLY B 136 2.90 -11.67 -15.38
CA GLY B 136 4.12 -11.65 -16.17
C GLY B 136 4.33 -12.92 -16.98
N ARG B 137 5.44 -12.97 -17.73
CA ARG B 137 5.74 -14.11 -18.60
C ARG B 137 6.92 -14.92 -18.08
N ILE B 138 6.86 -16.24 -18.27
CA ILE B 138 7.88 -17.15 -17.78
C ILE B 138 8.91 -17.56 -18.86
N GLY B 139 8.77 -16.98 -20.04
CA GLY B 139 9.64 -17.32 -21.16
C GLY B 139 11.06 -16.81 -21.06
N LEU B 140 11.97 -17.47 -21.78
CA LEU B 140 13.39 -17.12 -21.75
C LEU B 140 13.75 -15.92 -22.63
N ASN B 141 13.03 -15.73 -23.72
CA ASN B 141 13.22 -14.59 -24.60
C ASN B 141 12.91 -13.26 -23.87
N PRO B 142 13.90 -12.34 -23.78
CA PRO B 142 13.61 -11.10 -23.03
C PRO B 142 12.53 -10.24 -23.68
N THR B 143 11.48 -9.90 -22.94
CA THR B 143 10.50 -8.89 -23.36
C THR B 143 10.54 -7.51 -22.67
N GLY B 144 11.43 -7.32 -21.68
CA GLY B 144 11.45 -6.09 -20.89
C GLY B 144 10.65 -6.15 -19.58
N ARG B 145 10.62 -5.05 -18.84
CA ARG B 145 10.01 -5.00 -17.50
C ARG B 145 8.51 -5.22 -17.50
N GLN B 146 7.85 -4.88 -18.60
CA GLN B 146 6.40 -4.95 -18.71
C GLN B 146 5.91 -6.36 -18.38
N ASN B 147 6.72 -7.35 -18.74
CA ASN B 147 6.35 -8.75 -18.61
C ASN B 147 6.86 -9.46 -17.35
N PHE B 148 7.46 -8.72 -16.41
CA PHE B 148 7.74 -9.32 -15.12
C PHE B 148 6.43 -9.40 -14.35
N LEU B 149 6.48 -10.02 -13.18
CA LEU B 149 5.33 -10.04 -12.29
C LEU B 149 5.23 -8.64 -11.67
N GLN B 150 4.02 -8.11 -11.55
CA GLN B 150 3.80 -6.81 -10.91
C GLN B 150 3.02 -6.93 -9.61
N THR B 151 3.42 -6.14 -8.62
CA THR B 151 2.78 -6.19 -7.31
C THR B 151 2.81 -4.82 -6.62
N ASP B 152 1.80 -4.57 -5.77
CA ASP B 152 1.70 -3.34 -5.01
C ASP B 152 2.26 -3.52 -3.61
N ALA B 153 2.79 -4.70 -3.35
CA ALA B 153 3.63 -4.91 -2.18
C ALA B 153 4.88 -4.07 -2.39
N SER B 154 5.20 -3.23 -1.41
CA SER B 154 6.31 -2.27 -1.59
C SER B 154 7.64 -2.97 -1.88
N ILE B 155 8.27 -2.56 -2.98
CA ILE B 155 9.57 -3.08 -3.38
C ILE B 155 10.61 -1.96 -3.33
N ASN B 156 11.56 -2.11 -2.41
CA ASN B 156 12.61 -1.12 -2.18
C ASN B 156 14.00 -1.77 -2.16
N HIS B 157 15.03 -0.96 -1.86
CA HIS B 157 16.40 -1.48 -1.71
C HIS B 157 16.50 -2.51 -0.59
N GLY B 158 15.63 -2.37 0.41
CA GLY B 158 15.61 -3.31 1.53
C GLY B 158 15.35 -4.75 1.11
N ASN B 159 14.28 -4.96 0.34
CA ASN B 159 13.87 -6.31 -0.06
C ASN B 159 14.29 -6.75 -1.47
N SER B 160 14.99 -5.89 -2.19
CA SER B 160 15.39 -6.25 -3.55
C SER B 160 16.25 -7.50 -3.51
N GLY B 161 15.91 -8.48 -4.33
CA GLY B 161 16.61 -9.75 -4.36
C GLY B 161 16.00 -10.75 -3.40
N GLY B 162 15.04 -10.28 -2.61
CA GLY B 162 14.34 -11.11 -1.65
C GLY B 162 13.16 -11.84 -2.28
N ALA B 163 12.34 -12.43 -1.44
CA ALA B 163 11.28 -13.32 -1.89
C ALA B 163 9.92 -12.64 -1.91
N LEU B 164 9.15 -12.97 -2.95
CA LEU B 164 7.74 -12.67 -3.00
C LEU B 164 7.01 -14.00 -2.85
N VAL B 165 6.22 -14.14 -1.79
CA VAL B 165 5.56 -15.40 -1.50
C VAL B 165 4.05 -15.21 -1.37
N ASN B 166 3.28 -16.28 -1.61
CA ASN B 166 1.83 -16.22 -1.38
C ASN B 166 1.51 -16.54 0.08
N SER B 167 0.23 -16.66 0.40
CA SER B 167 -0.18 -16.79 1.80
C SER B 167 0.14 -18.17 2.38
N LEU B 168 0.60 -19.08 1.53
CA LEU B 168 1.07 -20.40 1.97
C LEU B 168 2.59 -20.41 2.18
N GLY B 169 3.25 -19.30 1.88
CA GLY B 169 4.69 -19.23 1.97
C GLY B 169 5.40 -19.74 0.72
N GLU B 170 4.65 -20.07 -0.33
CA GLU B 170 5.24 -20.56 -1.57
C GLU B 170 5.78 -19.40 -2.40
N LEU B 171 6.89 -19.64 -3.10
CA LEU B 171 7.57 -18.56 -3.83
C LEU B 171 6.82 -18.23 -5.11
N MSE B 172 6.35 -16.99 -5.19
CA MSE B 172 5.78 -16.40 -6.41
C MSE B 172 6.82 -15.79 -7.34
O MSE B 172 6.66 -15.83 -8.56
CB MSE B 172 4.74 -15.34 -6.04
CG MSE B 172 3.56 -15.93 -5.28
SE MSE B 172 2.48 -17.16 -6.37
CE MSE B 172 3.28 -18.90 -6.06
H MSE B 172 6.89 -16.44 -4.61
HA MSE B 172 5.32 -17.10 -6.90
HB2 MSE B 172 4.41 -14.93 -6.84
HB3 MSE B 172 5.16 -14.67 -5.46
HG2 MSE B 172 2.98 -15.21 -4.99
HG3 MSE B 172 3.88 -16.42 -4.51
HE1 MSE B 172 2.79 -19.56 -6.57
HE2 MSE B 172 4.21 -18.87 -6.34
HE3 MSE B 172 3.23 -19.11 -5.11
N GLY B 173 7.87 -15.21 -6.78
CA GLY B 173 8.86 -14.50 -7.59
C GLY B 173 10.00 -13.94 -6.77
N ILE B 174 11.00 -13.39 -7.47
CA ILE B 174 12.13 -12.75 -6.84
C ILE B 174 12.04 -11.25 -7.03
N ASN B 175 12.03 -10.51 -5.93
CA ASN B 175 11.94 -9.05 -6.00
C ASN B 175 13.10 -8.45 -6.78
N THR B 176 12.76 -7.51 -7.66
CA THR B 176 13.76 -6.74 -8.39
C THR B 176 13.33 -5.27 -8.49
N LEU B 177 14.30 -4.37 -8.32
CA LEU B 177 14.05 -2.94 -8.42
C LEU B 177 14.07 -2.48 -9.88
N GLU B 189 7.00 4.66 -9.18
CA GLU B 189 5.82 4.89 -8.34
C GLU B 189 5.54 3.68 -7.45
N GLY B 190 4.27 3.39 -7.20
CA GLY B 190 3.87 2.36 -6.25
C GLY B 190 3.73 0.98 -6.84
N ILE B 191 4.38 0.75 -7.98
CA ILE B 191 4.35 -0.55 -8.65
C ILE B 191 5.69 -1.26 -8.55
N GLY B 192 5.69 -2.40 -7.86
CA GLY B 192 6.86 -3.25 -7.73
C GLY B 192 6.94 -4.36 -8.75
N PHE B 193 8.16 -4.81 -9.03
CA PHE B 193 8.39 -5.86 -10.02
C PHE B 193 9.11 -7.05 -9.40
N ALA B 194 8.84 -8.23 -9.95
CA ALA B 194 9.52 -9.44 -9.53
C ALA B 194 9.67 -10.38 -10.71
N ILE B 195 10.74 -11.17 -10.72
CA ILE B 195 10.89 -12.23 -11.71
C ILE B 195 9.99 -13.38 -11.29
N PRO B 196 9.09 -13.83 -12.18
CA PRO B 196 8.23 -14.97 -11.83
C PRO B 196 9.06 -16.18 -11.43
N PHE B 197 8.65 -16.92 -10.40
CA PHE B 197 9.45 -18.00 -9.89
C PHE B 197 9.76 -19.05 -10.97
N GLN B 198 8.81 -19.30 -11.88
CA GLN B 198 9.00 -20.29 -12.94
C GLN B 198 10.20 -19.90 -13.81
N LEU B 199 10.33 -18.61 -14.11
CA LEU B 199 11.45 -18.09 -14.87
C LEU B 199 12.74 -18.05 -14.05
N ALA B 200 12.61 -17.69 -12.77
CA ALA B 200 13.76 -17.61 -11.88
C ALA B 200 14.42 -18.99 -11.77
N THR B 201 13.59 -20.03 -11.63
CA THR B 201 14.08 -21.41 -11.59
C THR B 201 14.81 -21.82 -12.88
N LYS B 202 14.24 -21.44 -14.03
CA LYS B 202 14.86 -21.75 -15.31
C LYS B 202 16.20 -21.07 -15.43
N ILE B 203 16.25 -19.80 -15.04
CA ILE B 203 17.48 -19.03 -15.11
C ILE B 203 18.54 -19.66 -14.20
N MSE B 204 18.15 -19.98 -12.97
CA MSE B 204 19.10 -20.52 -12.00
C MSE B 204 19.73 -21.80 -12.54
O MSE B 204 20.95 -21.94 -12.52
CB MSE B 204 18.41 -20.78 -10.66
CG MSE B 204 19.37 -21.40 -9.61
SE MSE B 204 18.63 -21.70 -7.86
CE MSE B 204 17.28 -22.98 -8.31
H MSE B 204 17.21 -19.88 -12.72
HA MSE B 204 19.79 -19.86 -11.86
HB2 MSE B 204 17.68 -21.40 -10.79
HB3 MSE B 204 18.08 -19.95 -10.31
HG2 MSE B 204 20.12 -20.82 -9.50
HG3 MSE B 204 19.67 -22.25 -9.94
HE1 MSE B 204 16.81 -23.23 -7.49
HE2 MSE B 204 16.67 -22.58 -8.94
HE3 MSE B 204 17.70 -23.76 -8.70
N ASP B 205 18.92 -22.72 -13.04
CA ASP B 205 19.42 -24.00 -13.56
C ASP B 205 20.39 -23.79 -14.71
N LYS B 206 20.14 -22.77 -15.53
CA LYS B 206 21.04 -22.49 -16.63
C LYS B 206 22.35 -21.86 -16.15
N LEU B 207 22.28 -21.03 -15.11
CA LEU B 207 23.49 -20.41 -14.57
C LEU B 207 24.37 -21.47 -13.89
N ILE B 208 23.72 -22.44 -13.24
CA ILE B 208 24.43 -23.50 -12.57
C ILE B 208 25.19 -24.36 -13.58
N ARG B 209 24.54 -24.73 -14.67
CA ARG B 209 25.20 -25.55 -15.69
C ARG B 209 26.26 -24.80 -16.46
N ASP B 210 25.89 -23.67 -17.06
CA ASP B 210 26.79 -22.96 -17.98
C ASP B 210 27.53 -21.75 -17.41
N GLY B 211 27.23 -21.35 -16.19
CA GLY B 211 27.85 -20.15 -15.63
C GLY B 211 27.31 -18.85 -16.21
N ARG B 212 26.45 -18.97 -17.22
CA ARG B 212 25.79 -17.83 -17.85
C ARG B 212 24.55 -18.36 -18.55
N VAL B 213 23.60 -17.48 -18.87
CA VAL B 213 22.40 -17.90 -19.57
C VAL B 213 22.68 -17.88 -21.06
N ILE B 214 22.57 -19.04 -21.69
CA ILE B 214 22.79 -19.16 -23.12
C ILE B 214 21.44 -19.23 -23.82
N ARG B 215 21.13 -18.21 -24.62
CA ARG B 215 19.85 -18.14 -25.29
C ARG B 215 20.00 -18.40 -26.77
N GLY B 216 19.12 -19.24 -27.32
CA GLY B 216 19.08 -19.46 -28.75
C GLY B 216 18.46 -18.26 -29.45
N TYR B 217 19.01 -17.91 -30.60
CA TYR B 217 18.60 -16.71 -31.34
C TYR B 217 18.47 -17.00 -32.84
N ILE B 218 17.26 -16.82 -33.38
CA ILE B 218 17.02 -16.98 -34.81
C ILE B 218 17.08 -15.69 -35.65
N GLY B 219 17.09 -14.53 -34.99
CA GLY B 219 17.10 -13.27 -35.70
C GLY B 219 15.88 -12.97 -36.57
N ILE B 220 14.69 -12.99 -35.96
CA ILE B 220 13.46 -12.73 -36.68
C ILE B 220 12.50 -11.86 -35.86
N GLY B 221 11.79 -10.96 -36.53
CA GLY B 221 10.73 -10.18 -35.91
C GLY B 221 9.35 -10.78 -36.12
N GLY B 222 8.43 -10.49 -35.19
CA GLY B 222 7.10 -11.07 -35.24
C GLY B 222 6.09 -10.15 -35.91
N GLY B 240 0.00 -19.24 -39.06
CA GLY B 240 1.41 -18.97 -39.31
C GLY B 240 1.86 -17.66 -38.69
N ILE B 241 3.14 -17.33 -38.88
CA ILE B 241 3.71 -16.08 -38.37
C ILE B 241 4.30 -15.25 -39.49
N VAL B 242 3.78 -14.03 -39.66
CA VAL B 242 4.29 -13.12 -40.69
C VAL B 242 5.59 -12.47 -40.21
N VAL B 243 6.63 -12.58 -41.02
CA VAL B 243 7.92 -12.00 -40.68
C VAL B 243 7.93 -10.51 -41.01
N ASN B 244 8.10 -9.69 -39.97
CA ASN B 244 8.18 -8.24 -40.12
C ASN B 244 9.56 -7.77 -40.55
N GLU B 245 10.58 -8.41 -39.99
CA GLU B 245 11.96 -8.01 -40.23
C GLU B 245 12.91 -9.21 -40.08
N VAL B 246 14.05 -9.13 -40.75
CA VAL B 246 15.09 -10.14 -40.65
C VAL B 246 16.43 -9.46 -40.32
N SER B 247 17.01 -9.82 -39.19
CA SER B 247 18.23 -9.19 -38.71
C SER B 247 19.40 -9.44 -39.66
N PRO B 248 20.20 -8.40 -39.95
CA PRO B 248 21.35 -8.56 -40.85
C PRO B 248 22.41 -9.51 -40.30
N ASP B 249 22.97 -10.34 -41.18
CA ASP B 249 23.98 -11.34 -40.79
C ASP B 249 23.42 -12.26 -39.72
N GLY B 250 22.10 -12.43 -39.71
CA GLY B 250 21.44 -13.27 -38.73
C GLY B 250 21.22 -14.67 -39.26
N PRO B 251 20.83 -15.60 -38.37
CA PRO B 251 20.54 -16.99 -38.75
C PRO B 251 19.49 -17.10 -39.83
N ALA B 252 18.45 -16.28 -39.73
CA ALA B 252 17.36 -16.30 -40.69
C ALA B 252 17.83 -15.80 -42.05
N ALA B 253 18.60 -14.72 -42.04
CA ALA B 253 19.12 -14.12 -43.26
C ALA B 253 20.00 -15.11 -44.03
N ASN B 254 20.85 -15.82 -43.31
CA ASN B 254 21.78 -16.76 -43.92
C ASN B 254 21.07 -18.01 -44.45
N ALA B 255 19.95 -18.36 -43.83
CA ALA B 255 19.19 -19.55 -44.22
C ALA B 255 18.38 -19.31 -45.48
N GLY B 256 18.20 -18.04 -45.83
CA GLY B 256 17.44 -17.67 -47.02
C GLY B 256 16.06 -17.13 -46.71
N ILE B 257 15.71 -17.03 -45.43
CA ILE B 257 14.42 -16.47 -45.05
C ILE B 257 14.36 -14.99 -45.42
N GLN B 258 13.23 -14.58 -45.97
CA GLN B 258 13.04 -13.20 -46.41
C GLN B 258 11.91 -12.53 -45.62
N VAL B 259 11.94 -11.21 -45.57
CA VAL B 259 10.89 -10.45 -44.91
C VAL B 259 9.57 -10.67 -45.65
N ASN B 260 8.47 -10.60 -44.90
CA ASN B 260 7.13 -10.81 -45.44
C ASN B 260 6.78 -12.28 -45.63
N ASP B 261 7.74 -13.17 -45.38
CA ASP B 261 7.49 -14.61 -45.44
C ASP B 261 6.62 -15.07 -44.28
N LEU B 262 5.94 -16.20 -44.47
CA LEU B 262 5.10 -16.78 -43.43
C LEU B 262 5.72 -18.06 -42.90
N ILE B 263 5.99 -18.10 -41.60
CA ILE B 263 6.56 -19.29 -40.98
C ILE B 263 5.41 -20.14 -40.40
N ILE B 264 5.17 -21.30 -41.00
CA ILE B 264 4.16 -22.21 -40.49
C ILE B 264 4.70 -23.23 -39.47
N SER B 265 6.02 -23.39 -39.42
CA SER B 265 6.65 -24.34 -38.51
C SER B 265 8.10 -23.98 -38.16
N VAL B 266 8.51 -24.30 -36.94
CA VAL B 266 9.91 -24.17 -36.53
C VAL B 266 10.36 -25.37 -35.71
N ASP B 267 11.42 -26.04 -36.16
CA ASP B 267 11.95 -27.23 -35.49
C ASP B 267 10.86 -28.29 -35.29
N ASN B 268 10.07 -28.51 -36.35
CA ASN B 268 9.01 -29.52 -36.34
C ASN B 268 7.91 -29.24 -35.33
N LYS B 269 7.70 -27.96 -35.02
CA LYS B 269 6.61 -27.55 -34.16
C LYS B 269 5.76 -26.51 -34.87
N PRO B 270 4.42 -26.57 -34.71
CA PRO B 270 3.59 -25.55 -35.35
C PRO B 270 3.91 -24.16 -34.83
N ALA B 271 3.97 -23.14 -35.69
CA ALA B 271 4.08 -21.80 -35.15
C ALA B 271 2.72 -21.15 -35.20
N ILE B 272 2.08 -21.11 -34.04
CA ILE B 272 0.83 -20.40 -33.82
C ILE B 272 1.05 -18.94 -33.45
N SER B 273 2.04 -18.72 -32.59
CA SER B 273 2.25 -17.43 -31.93
C SER B 273 3.71 -17.00 -31.96
N ALA B 274 3.93 -15.71 -32.17
CA ALA B 274 5.29 -15.17 -32.24
C ALA B 274 6.01 -15.27 -30.91
N LEU B 275 5.36 -14.81 -29.85
CA LEU B 275 5.97 -14.80 -28.52
C LEU B 275 6.36 -16.21 -28.08
N GLU B 276 5.47 -17.18 -28.31
CA GLU B 276 5.74 -18.55 -27.90
C GLU B 276 6.86 -19.16 -28.73
N THR B 277 6.93 -18.78 -30.00
CA THR B 277 7.95 -19.31 -30.91
C THR B 277 9.33 -18.78 -30.54
N MSE B 278 9.41 -17.51 -30.14
CA MSE B 278 10.69 -16.94 -29.77
C MSE B 278 11.17 -17.51 -28.43
O MSE B 278 12.37 -17.54 -28.15
CB MSE B 278 10.60 -15.41 -29.71
CG MSE B 278 10.25 -14.75 -31.05
SE MSE B 278 11.44 -15.24 -32.53
CE MSE B 278 10.51 -14.29 -33.97
H MSE B 278 8.74 -16.97 -30.08
HA MSE B 278 11.35 -17.16 -30.45
HB2 MSE B 278 11.45 -15.06 -29.41
HB3 MSE B 278 9.91 -15.17 -29.07
HG2 MSE B 278 10.31 -13.79 -30.94
HG3 MSE B 278 9.36 -15.00 -31.30
HE1 MSE B 278 10.99 -14.44 -34.80
HE2 MSE B 278 9.61 -14.64 -34.04
HE3 MSE B 278 10.50 -13.34 -33.76
N ASP B 279 10.24 -17.97 -27.62
CA ASP B 279 10.59 -18.68 -26.38
C ASP B 279 11.14 -20.06 -26.71
N GLN B 280 10.58 -20.69 -27.73
CA GLN B 280 11.07 -21.99 -28.17
C GLN B 280 12.50 -21.87 -28.70
N VAL B 281 12.73 -20.89 -29.54
CA VAL B 281 14.05 -20.63 -30.10
C VAL B 281 15.06 -20.34 -28.97
N ALA B 282 14.61 -19.63 -27.94
CA ALA B 282 15.48 -19.27 -26.82
C ALA B 282 16.02 -20.51 -26.10
N GLU B 283 15.21 -21.57 -26.08
CA GLU B 283 15.61 -22.81 -25.44
C GLU B 283 16.53 -23.67 -26.30
N ILE B 284 16.57 -23.39 -27.60
CA ILE B 284 17.41 -24.18 -28.50
C ILE B 284 18.87 -23.81 -28.34
N ARG B 285 19.71 -24.82 -28.15
CA ARG B 285 21.14 -24.60 -27.96
C ARG B 285 21.76 -24.00 -29.22
N PRO B 286 22.63 -22.99 -29.07
CA PRO B 286 23.35 -22.44 -30.22
C PRO B 286 24.13 -23.51 -30.98
N GLY B 287 24.18 -23.38 -32.30
CA GLY B 287 24.90 -24.33 -33.14
C GLY B 287 23.99 -25.40 -33.68
N SER B 288 22.82 -25.54 -33.06
CA SER B 288 21.82 -26.50 -33.53
C SER B 288 21.29 -26.10 -34.90
N VAL B 289 21.04 -27.09 -35.75
CA VAL B 289 20.48 -26.85 -37.09
C VAL B 289 19.04 -27.35 -37.15
N ILE B 290 18.10 -26.43 -37.29
CA ILE B 290 16.67 -26.79 -37.28
C ILE B 290 16.00 -26.43 -38.60
N PRO B 291 15.03 -27.25 -39.03
CA PRO B 291 14.23 -26.90 -40.20
C PRO B 291 13.20 -25.81 -39.89
N VAL B 292 12.99 -24.89 -40.82
CA VAL B 292 11.93 -23.91 -40.69
C VAL B 292 11.08 -23.94 -41.96
N VAL B 293 9.83 -24.38 -41.80
CA VAL B 293 8.91 -24.48 -42.94
C VAL B 293 8.23 -23.12 -43.16
N VAL B 294 8.27 -22.65 -44.39
CA VAL B 294 7.66 -21.38 -44.75
C VAL B 294 6.96 -21.51 -46.11
N MSE B 295 5.83 -20.84 -46.26
CA MSE B 295 5.07 -20.86 -47.53
C MSE B 295 5.13 -19.51 -48.23
O MSE B 295 5.18 -18.46 -47.59
CB MSE B 295 3.61 -21.26 -47.26
CG MSE B 295 3.42 -22.74 -46.98
SE MSE B 295 1.55 -23.21 -46.69
CE MSE B 295 1.74 -25.15 -46.52
H MSE B 295 5.46 -20.36 -45.65
HA MSE B 295 5.46 -21.53 -48.11
HB2 MSE B 295 3.09 -21.03 -48.06
HB3 MSE B 295 3.29 -20.75 -46.50
HG2 MSE B 295 3.92 -22.98 -46.18
HG3 MSE B 295 3.74 -23.26 -47.74
HE1 MSE B 295 0.86 -25.54 -46.36
HE2 MSE B 295 2.12 -25.49 -47.35
HE3 MSE B 295 2.33 -25.34 -45.77
N GLN B 300 5.81 -23.90 -50.51
CA GLN B 300 6.36 -24.39 -49.25
C GLN B 300 7.86 -24.71 -49.37
N LEU B 301 8.69 -23.84 -48.79
CA LEU B 301 10.13 -24.02 -48.80
C LEU B 301 10.63 -24.41 -47.39
N THR B 302 11.38 -25.50 -47.32
CA THR B 302 12.00 -25.93 -46.07
C THR B 302 13.44 -25.42 -46.03
N LEU B 303 13.76 -24.65 -44.99
CA LEU B 303 15.06 -24.02 -44.84
C LEU B 303 15.77 -24.51 -43.59
N GLN B 304 17.06 -24.82 -43.73
CA GLN B 304 17.87 -25.28 -42.60
C GLN B 304 18.56 -24.08 -41.95
N VAL B 305 18.17 -23.80 -40.71
CA VAL B 305 18.69 -22.64 -39.98
C VAL B 305 19.65 -23.08 -38.90
N THR B 306 20.77 -22.38 -38.79
CA THR B 306 21.73 -22.64 -37.73
C THR B 306 21.54 -21.60 -36.64
N ILE B 307 21.00 -22.05 -35.51
CA ILE B 307 20.73 -21.16 -34.39
C ILE B 307 22.04 -20.65 -33.83
N GLN B 308 22.02 -19.41 -33.34
CA GLN B 308 23.20 -18.80 -32.76
C GLN B 308 22.88 -18.27 -31.36
N GLU B 309 23.90 -17.94 -30.59
CA GLU B 309 23.69 -17.27 -29.32
C GLU B 309 23.00 -15.95 -29.55
N TYR B 310 22.17 -15.54 -28.59
CA TYR B 310 21.58 -14.21 -28.64
C TYR B 310 22.74 -13.24 -28.67
N PRO B 311 22.77 -12.34 -29.68
CA PRO B 311 23.91 -11.41 -29.72
C PRO B 311 23.97 -10.66 -28.40
N ALA B 312 25.13 -10.59 -27.77
CA ALA B 312 25.20 -10.02 -26.44
C ALA B 312 24.71 -8.58 -26.49
N THR B 313 23.67 -8.31 -25.72
CA THR B 313 23.06 -6.99 -25.71
C THR B 313 22.90 -6.49 -24.28
N ASN B 314 23.68 -5.47 -23.96
CA ASN B 314 23.52 -4.76 -22.70
C ASN B 314 22.53 -3.63 -22.91
N HIS B 315 22.09 -3.47 -24.15
CA HIS B 315 21.26 -2.35 -24.57
C HIS B 315 19.76 -2.64 -24.53
N HIS B 316 19.38 -3.84 -24.10
CA HIS B 316 17.99 -4.27 -24.22
C HIS B 316 17.01 -3.39 -23.44
N HIS B 317 17.34 -3.08 -22.19
CA HIS B 317 16.45 -2.29 -21.35
C HIS B 317 16.62 -0.79 -21.60
N HIS B 318 17.69 -0.41 -22.29
CA HIS B 318 17.86 0.96 -22.72
C HIS B 318 16.78 1.28 -23.73
N HIS B 319 16.25 2.50 -23.70
CA HIS B 319 15.07 2.83 -24.47
C HIS B 319 15.23 2.58 -25.96
N HIS B 320 16.20 3.25 -26.57
CA HIS B 320 16.46 3.14 -28.02
C HIS B 320 15.17 3.10 -28.84
N MSE C 1 -22.34 -14.98 -0.27
CA MSE C 1 -21.04 -14.43 0.12
C MSE C 1 -21.17 -13.00 0.59
O MSE C 1 -22.03 -12.25 0.12
CB MSE C 1 -20.05 -14.51 -1.04
CG MSE C 1 -19.65 -15.93 -1.43
SE MSE C 1 -18.29 -15.98 -2.82
CE MSE C 1 -19.32 -15.12 -4.24
HA MSE C 1 -20.69 -14.97 0.85
HB2 MSE C 1 -19.25 -14.03 -0.80
HB3 MSE C 1 -20.46 -14.10 -1.82
HG2 MSE C 1 -20.42 -16.41 -1.75
HG3 MSE C 1 -19.28 -16.38 -0.65
HE1 MSE C 1 -18.76 -15.07 -5.03
HE2 MSE C 1 -20.11 -15.66 -4.41
HE3 MSE C 1 -19.58 -14.24 -3.95
N THR C 2 -20.32 -12.61 1.54
CA THR C 2 -20.22 -11.23 1.98
C THR C 2 -18.85 -10.68 1.64
N PRO C 3 -18.75 -9.36 1.42
CA PRO C 3 -17.46 -8.79 1.04
C PRO C 3 -16.43 -8.95 2.16
N ALA C 4 -15.18 -9.26 1.81
CA ALA C 4 -14.13 -9.31 2.81
C ALA C 4 -14.04 -7.93 3.46
N SER C 5 -14.00 -7.91 4.79
CA SER C 5 -14.01 -6.64 5.52
C SER C 5 -13.33 -6.71 6.88
N TYR C 6 -12.64 -5.62 7.22
CA TYR C 6 -12.12 -5.39 8.57
C TYR C 6 -13.03 -4.46 9.42
N ASN C 7 -14.23 -4.20 8.91
CA ASN C 7 -15.17 -3.30 9.60
C ASN C 7 -15.41 -3.66 11.07
N LEU C 8 -15.28 -4.94 11.42
CA LEU C 8 -15.42 -5.36 12.81
C LEU C 8 -14.42 -4.62 13.69
N ALA C 9 -13.16 -4.61 13.27
CA ALA C 9 -12.10 -3.93 13.99
C ALA C 9 -12.40 -2.45 14.05
N VAL C 10 -12.91 -1.90 12.95
CA VAL C 10 -13.26 -0.49 12.91
C VAL C 10 -14.33 -0.16 13.95
N ARG C 11 -15.41 -0.93 13.97
CA ARG C 11 -16.54 -0.65 14.85
C ARG C 11 -16.13 -0.65 16.33
N ARG C 12 -15.26 -1.58 16.69
CA ARG C 12 -14.78 -1.73 18.05
C ARG C 12 -13.76 -0.68 18.46
N ALA C 13 -12.75 -0.47 17.62
CA ALA C 13 -11.61 0.39 17.98
C ALA C 13 -11.83 1.88 17.71
N ALA C 14 -12.46 2.19 16.57
CA ALA C 14 -12.46 3.57 16.06
C ALA C 14 -13.10 4.61 16.98
N PRO C 15 -14.15 4.25 17.72
CA PRO C 15 -14.74 5.27 18.59
C PRO C 15 -13.78 5.77 19.69
N ALA C 16 -12.73 4.99 19.96
CA ALA C 16 -11.79 5.30 21.03
C ALA C 16 -10.65 6.19 20.55
N VAL C 17 -10.57 6.41 19.24
CA VAL C 17 -9.52 7.27 18.69
C VAL C 17 -10.04 8.69 18.52
N VAL C 18 -9.31 9.64 19.11
CA VAL C 18 -9.75 11.02 19.21
C VAL C 18 -8.81 11.96 18.46
N ASN C 19 -9.34 13.12 18.07
CA ASN C 19 -8.50 14.25 17.66
C ASN C 19 -7.90 14.96 18.87
N VAL C 20 -6.64 15.37 18.74
CA VAL C 20 -5.96 16.16 19.76
C VAL C 20 -5.54 17.51 19.16
N TYR C 21 -5.97 18.60 19.79
CA TYR C 21 -5.64 19.94 19.31
C TYR C 21 -4.69 20.66 20.26
N ASN C 22 -3.50 20.97 19.78
CA ASN C 22 -2.54 21.77 20.53
C ASN C 22 -2.76 23.25 20.23
N ARG C 23 -3.10 24.01 21.28
CA ARG C 23 -3.33 25.45 21.16
C ARG C 23 -2.26 26.22 21.93
N GLY C 24 -1.68 27.23 21.29
CA GLY C 24 -0.65 28.06 21.89
C GLY C 24 -0.99 29.52 21.78
N LEU C 33 -5.67 32.71 21.24
CA LEU C 33 -5.51 31.27 21.39
C LEU C 33 -5.93 30.55 20.10
N GLU C 34 -4.96 30.00 19.38
CA GLU C 34 -5.18 29.36 18.09
C GLU C 34 -4.60 27.96 18.06
N ILE C 35 -5.03 27.14 17.11
CA ILE C 35 -4.53 25.77 17.01
C ILE C 35 -3.16 25.78 16.32
N ARG C 36 -2.13 25.38 17.06
CA ARG C 36 -0.77 25.27 16.54
C ARG C 36 -0.48 23.95 15.84
N THR C 37 -0.94 22.86 16.45
CA THR C 37 -0.63 21.51 16.00
C THR C 37 -1.81 20.58 16.22
N LEU C 38 -1.91 19.56 15.37
CA LEU C 38 -2.98 18.58 15.45
C LEU C 38 -2.40 17.17 15.57
N GLY C 39 -3.22 16.22 15.99
CA GLY C 39 -2.79 14.84 16.15
C GLY C 39 -3.94 13.95 16.56
N SER C 40 -3.61 12.70 16.86
CA SER C 40 -4.59 11.73 17.32
C SER C 40 -4.15 11.14 18.66
N GLY C 41 -5.11 10.52 19.35
CA GLY C 41 -4.87 9.90 20.63
C GLY C 41 -5.81 8.72 20.80
N VAL C 42 -5.53 7.91 21.81
CA VAL C 42 -6.29 6.70 22.09
C VAL C 42 -6.78 6.69 23.53
N ILE C 43 -8.09 6.58 23.72
CA ILE C 43 -8.63 6.51 25.06
C ILE C 43 -8.33 5.11 25.58
N MSE C 44 -7.56 5.05 26.66
CA MSE C 44 -7.13 3.79 27.26
C MSE C 44 -8.11 3.13 28.22
O MSE C 44 -8.23 1.91 28.25
CB MSE C 44 -5.80 3.98 27.99
CG MSE C 44 -4.71 4.53 27.09
SE MSE C 44 -4.54 3.62 25.34
CE MSE C 44 -3.85 1.91 25.90
H MSE C 44 -7.51 5.85 27.17
HA MSE C 44 -6.97 3.16 26.54
HB2 MSE C 44 -5.50 3.12 28.33
HB3 MSE C 44 -5.93 4.61 28.71
HG2 MSE C 44 -3.85 4.44 27.55
HG3 MSE C 44 -4.89 5.47 26.92
HE1 MSE C 44 -3.72 1.35 25.13
HE2 MSE C 44 -3.01 2.05 26.36
HE3 MSE C 44 -4.49 1.50 26.50
N ASP C 45 -8.79 3.93 29.05
CA ASP C 45 -9.66 3.36 30.07
C ASP C 45 -10.74 4.32 30.54
N GLN C 46 -11.58 3.84 31.46
CA GLN C 46 -12.71 4.61 31.94
C GLN C 46 -12.32 5.68 32.94
N ARG C 47 -11.04 5.72 33.32
CA ARG C 47 -10.57 6.79 34.19
C ARG C 47 -10.31 8.07 33.39
N GLY C 48 -10.33 7.94 32.06
CA GLY C 48 -10.17 9.09 31.18
C GLY C 48 -8.77 9.31 30.66
N TYR C 49 -7.91 8.30 30.79
CA TYR C 49 -6.53 8.43 30.30
C TYR C 49 -6.43 8.21 28.79
N ILE C 50 -5.65 9.06 28.15
CA ILE C 50 -5.45 9.06 26.71
C ILE C 50 -3.96 9.07 26.38
N ILE C 51 -3.53 8.20 25.47
CA ILE C 51 -2.14 8.22 25.00
C ILE C 51 -2.07 8.90 23.64
N THR C 52 -1.11 9.80 23.50
CA THR C 52 -0.86 10.48 22.23
C THR C 52 0.65 10.61 22.06
N ASN C 53 1.07 11.34 21.04
CA ASN C 53 2.50 11.57 20.82
C ASN C 53 2.97 12.80 21.59
N LYS C 54 4.18 12.76 22.11
CA LYS C 54 4.78 13.94 22.72
C LYS C 54 4.86 15.12 21.74
N HIS C 55 5.29 14.85 20.51
CA HIS C 55 5.55 15.94 19.55
C HIS C 55 4.27 16.67 19.16
N VAL C 56 3.13 16.03 19.38
CA VAL C 56 1.85 16.67 19.15
C VAL C 56 1.55 17.75 20.18
N ILE C 57 1.80 17.42 21.45
CA ILE C 57 1.40 18.31 22.56
C ILE C 57 2.51 19.21 23.08
N ASN C 58 3.70 19.16 22.46
CA ASN C 58 4.80 20.03 22.88
C ASN C 58 4.44 21.52 22.87
N ASP C 59 4.76 22.19 23.96
CA ASP C 59 4.59 23.64 24.10
C ASP C 59 3.13 24.07 23.97
N ALA C 60 2.22 23.20 24.39
CA ALA C 60 0.79 23.51 24.35
C ALA C 60 0.37 24.36 25.55
N ASP C 61 -0.28 25.48 25.27
CA ASP C 61 -0.88 26.31 26.32
C ASP C 61 -2.20 25.68 26.76
N GLN C 62 -2.86 25.01 25.82
CA GLN C 62 -4.08 24.27 26.11
C GLN C 62 -4.19 23.06 25.18
N ILE C 63 -4.75 21.96 25.69
CA ILE C 63 -4.94 20.74 24.91
C ILE C 63 -6.41 20.34 24.92
N ILE C 64 -6.95 20.15 23.72
CA ILE C 64 -8.36 19.78 23.55
C ILE C 64 -8.48 18.44 22.86
N VAL C 65 -9.52 17.70 23.24
CA VAL C 65 -9.75 16.36 22.73
C VAL C 65 -11.17 16.31 22.18
N ALA C 66 -11.32 15.81 20.95
CA ALA C 66 -12.62 15.62 20.31
C ALA C 66 -12.84 14.15 19.94
N LEU C 67 -13.91 13.58 20.48
CA LEU C 67 -14.33 12.22 20.18
C LEU C 67 -15.15 12.14 18.88
N GLN C 68 -15.14 10.96 18.26
CA GLN C 68 -15.94 10.73 17.07
C GLN C 68 -17.43 10.95 17.30
N ASP C 69 -17.88 10.86 18.55
CA ASP C 69 -19.30 11.05 18.85
C ASP C 69 -19.64 12.53 19.01
N GLY C 70 -18.65 13.40 18.79
CA GLY C 70 -18.86 14.83 18.82
C GLY C 70 -18.49 15.53 20.12
N ARG C 71 -18.37 14.79 21.21
CA ARG C 71 -18.00 15.39 22.49
C ARG C 71 -16.59 15.97 22.46
N VAL C 72 -16.44 17.13 23.09
CA VAL C 72 -15.17 17.84 23.15
C VAL C 72 -14.77 18.06 24.62
N PHE C 73 -13.50 17.80 24.95
CA PHE C 73 -13.00 17.93 26.32
C PHE C 73 -11.70 18.73 26.39
N GLU C 74 -11.52 19.47 27.47
CA GLU C 74 -10.22 20.02 27.80
C GLU C 74 -9.44 18.87 28.43
N ALA C 75 -8.15 18.78 28.13
CA ALA C 75 -7.34 17.68 28.64
C ALA C 75 -6.21 18.17 29.54
N LEU C 76 -5.92 17.39 30.57
CA LEU C 76 -4.78 17.62 31.45
C LEU C 76 -3.58 16.86 30.89
N LEU C 77 -2.39 17.48 30.93
CA LEU C 77 -1.16 16.76 30.61
C LEU C 77 -0.63 16.04 31.86
N VAL C 78 -0.61 14.71 31.80
CA VAL C 78 -0.14 13.89 32.90
C VAL C 78 1.39 13.76 32.90
N GLY C 79 1.95 13.71 31.69
CA GLY C 79 3.38 13.55 31.51
C GLY C 79 3.70 13.12 30.08
N SER C 80 4.99 13.04 29.77
CA SER C 80 5.42 12.68 28.43
C SER C 80 6.80 12.03 28.48
N ASP C 81 7.14 11.30 27.42
CA ASP C 81 8.43 10.64 27.32
C ASP C 81 9.04 10.84 25.92
N SER C 82 10.20 11.47 25.86
CA SER C 82 10.83 11.77 24.58
C SER C 82 11.24 10.48 23.86
N LEU C 83 11.79 9.53 24.61
CA LEU C 83 12.39 8.34 24.03
C LEU C 83 11.38 7.50 23.27
N THR C 84 10.17 7.39 23.81
CA THR C 84 9.09 6.68 23.13
C THR C 84 8.16 7.64 22.38
N ASP C 85 8.44 8.93 22.48
CA ASP C 85 7.57 9.95 21.88
C ASP C 85 6.10 9.78 22.31
N LEU C 86 5.86 9.42 23.55
CA LEU C 86 4.50 9.27 24.06
C LEU C 86 4.18 10.34 25.08
N ALA C 87 2.90 10.67 25.17
CA ALA C 87 2.41 11.55 26.21
C ALA C 87 1.08 11.02 26.69
N VAL C 88 0.77 11.26 27.97
CA VAL C 88 -0.51 10.84 28.52
C VAL C 88 -1.36 12.07 28.85
N LEU C 89 -2.64 11.98 28.50
CA LEU C 89 -3.61 13.02 28.76
C LEU C 89 -4.71 12.44 29.64
N LYS C 90 -5.44 13.33 30.31
CA LYS C 90 -6.58 12.91 31.12
C LYS C 90 -7.73 13.88 30.90
N ILE C 91 -8.93 13.32 30.75
CA ILE C 91 -10.12 14.10 30.49
C ILE C 91 -11.24 13.66 31.41
N ASN C 92 -12.27 14.49 31.55
CA ASN C 92 -13.43 14.13 32.35
C ASN C 92 -14.07 12.84 31.84
N ALA C 93 -14.16 11.85 32.72
CA ALA C 93 -14.72 10.54 32.38
C ALA C 93 -16.17 10.36 32.82
N THR C 94 -16.75 11.40 33.43
CA THR C 94 -18.05 11.30 34.08
C THR C 94 -19.11 10.58 33.25
N GLY C 95 -19.45 11.15 32.09
CA GLY C 95 -20.50 10.59 31.24
C GLY C 95 -20.22 9.22 30.68
N GLY C 96 -18.98 8.74 30.85
CA GLY C 96 -18.55 7.46 30.34
C GLY C 96 -17.85 7.66 29.01
N LEU C 97 -16.86 6.83 28.73
CA LEU C 97 -16.01 7.02 27.56
C LEU C 97 -15.91 5.75 26.72
N PRO C 98 -15.81 5.91 25.39
CA PRO C 98 -15.38 4.76 24.59
C PRO C 98 -13.91 4.47 24.85
N THR C 99 -13.55 3.20 24.99
CA THR C 99 -12.16 2.83 25.25
C THR C 99 -11.67 1.85 24.20
N ILE C 100 -10.37 1.86 23.94
CA ILE C 100 -9.79 0.96 22.95
C ILE C 100 -9.81 -0.47 23.49
N PRO C 101 -10.21 -1.44 22.66
CA PRO C 101 -10.11 -2.83 23.14
C PRO C 101 -8.66 -3.24 23.34
N ILE C 102 -8.39 -3.93 24.44
CA ILE C 102 -7.03 -4.37 24.73
CA ILE C 102 -7.02 -4.36 24.79
C ILE C 102 -7.01 -5.78 25.31
N ASN C 103 -6.07 -6.58 24.85
CA ASN C 103 -5.86 -7.92 25.39
C ASN C 103 -4.39 -8.06 25.77
N ALA C 104 -4.13 -8.12 27.07
CA ALA C 104 -2.77 -8.11 27.58
C ALA C 104 -2.07 -9.44 27.30
N ARG C 105 -2.86 -10.49 27.08
CA ARG C 105 -2.32 -11.81 26.79
C ARG C 105 -2.08 -12.03 25.31
N ARG C 106 -2.57 -11.12 24.46
CA ARG C 106 -2.44 -11.30 23.01
C ARG C 106 -0.99 -11.07 22.58
N VAL C 107 -0.43 -12.06 21.91
CA VAL C 107 0.96 -12.01 21.45
C VAL C 107 1.00 -11.58 19.99
N PRO C 108 1.54 -10.39 19.71
CA PRO C 108 1.58 -9.96 18.31
C PRO C 108 2.55 -10.79 17.48
N HIS C 109 2.17 -11.13 16.25
CA HIS C 109 3.01 -11.91 15.36
C HIS C 109 3.25 -11.17 14.05
N ILE C 110 4.47 -11.27 13.56
CA ILE C 110 4.81 -10.77 12.23
C ILE C 110 3.85 -11.40 11.22
N GLY C 111 3.30 -10.58 10.34
CA GLY C 111 2.32 -11.06 9.38
C GLY C 111 0.88 -10.77 9.78
N ASP C 112 0.65 -10.42 11.04
CA ASP C 112 -0.69 -10.08 11.52
C ASP C 112 -1.25 -8.90 10.75
N VAL C 113 -2.51 -9.00 10.34
CA VAL C 113 -3.18 -7.86 9.73
C VAL C 113 -3.42 -6.77 10.77
N VAL C 114 -3.13 -5.52 10.40
CA VAL C 114 -3.39 -4.40 11.28
C VAL C 114 -4.01 -3.23 10.56
N LEU C 115 -4.80 -2.47 11.32
CA LEU C 115 -5.40 -1.24 10.84
C LEU C 115 -4.83 -0.05 11.60
N ALA C 116 -4.38 0.95 10.85
CA ALA C 116 -3.94 2.19 11.46
C ALA C 116 -5.12 3.16 11.45
N ILE C 117 -5.46 3.65 12.64
CA ILE C 117 -6.61 4.54 12.81
C ILE C 117 -6.17 5.89 13.34
N GLY C 118 -6.41 6.94 12.56
CA GLY C 118 -6.17 8.29 13.01
C GLY C 118 -6.57 9.30 11.95
N ASN C 122 -8.22 17.81 9.74
CA ASN C 122 -7.75 17.37 8.43
C ASN C 122 -8.92 16.80 7.60
N LEU C 123 -8.80 15.54 7.15
CA LEU C 123 -9.80 14.92 6.28
C LEU C 123 -10.80 14.06 7.05
N GLY C 124 -10.69 14.06 8.37
CA GLY C 124 -11.57 13.26 9.21
C GLY C 124 -10.88 11.95 9.56
N GLN C 125 -11.60 11.05 10.23
CA GLN C 125 -10.99 9.81 10.70
C GLN C 125 -10.62 8.94 9.51
N THR C 126 -9.37 8.48 9.51
CA THR C 126 -8.79 7.77 8.37
C THR C 126 -8.29 6.40 8.82
N ILE C 127 -8.66 5.37 8.06
CA ILE C 127 -8.29 4.00 8.39
C ILE C 127 -7.56 3.35 7.22
N THR C 128 -6.38 2.82 7.50
CA THR C 128 -5.55 2.18 6.49
C THR C 128 -5.16 0.78 6.97
N GLN C 129 -4.85 -0.11 6.03
CA GLN C 129 -4.60 -1.50 6.34
C GLN C 129 -3.21 -1.95 5.92
N GLY C 130 -2.65 -2.87 6.68
CA GLY C 130 -1.30 -3.34 6.45
C GLY C 130 -1.05 -4.57 7.28
N ILE C 131 0.21 -4.93 7.45
CA ILE C 131 0.56 -6.02 8.34
C ILE C 131 1.67 -5.58 9.26
N ILE C 132 1.91 -6.37 10.29
CA ILE C 132 3.06 -6.15 11.14
C ILE C 132 4.29 -6.69 10.41
N SER C 133 5.23 -5.81 10.13
CA SER C 133 6.50 -6.19 9.52
CA SER C 133 6.50 -6.19 9.52
C SER C 133 7.49 -6.72 10.56
N ALA C 134 7.54 -6.06 11.72
CA ALA C 134 8.37 -6.50 12.85
C ALA C 134 7.69 -6.10 14.17
N THR C 135 7.79 -6.96 15.18
CA THR C 135 7.05 -6.79 16.43
C THR C 135 7.67 -5.78 17.40
N GLY C 136 8.98 -5.65 17.35
CA GLY C 136 9.66 -4.70 18.21
C GLY C 136 9.71 -5.12 19.67
N ARG C 137 10.51 -4.41 20.45
CA ARG C 137 10.77 -4.75 21.85
C ARG C 137 9.88 -3.94 22.79
N ILE C 138 9.42 -4.58 23.86
CA ILE C 138 8.55 -3.94 24.84
C ILE C 138 9.30 -3.41 26.09
N GLY C 139 10.62 -3.51 26.08
CA GLY C 139 11.43 -3.11 27.23
C GLY C 139 11.66 -1.62 27.37
N LEU C 140 12.05 -1.18 28.57
CA LEU C 140 12.21 0.23 28.90
C LEU C 140 13.54 0.87 28.49
N ASN C 141 14.57 0.06 28.29
CA ASN C 141 15.86 0.60 27.86
C ASN C 141 15.75 1.15 26.45
N PRO C 142 15.98 2.47 26.27
CA PRO C 142 15.80 2.95 24.89
C PRO C 142 16.81 2.32 23.92
N THR C 143 16.30 1.68 22.88
CA THR C 143 17.12 1.18 21.78
C THR C 143 17.09 1.97 20.46
N GLY C 144 16.25 3.01 20.39
CA GLY C 144 15.99 3.68 19.13
C GLY C 144 14.80 3.11 18.37
N ARG C 145 14.49 3.71 17.22
CA ARG C 145 13.27 3.39 16.47
C ARG C 145 13.29 2.03 15.80
N GLN C 146 14.48 1.48 15.59
CA GLN C 146 14.62 0.18 14.95
C GLN C 146 13.90 -0.92 15.74
N ASN C 147 13.81 -0.73 17.06
CA ASN C 147 13.18 -1.72 17.92
C ASN C 147 11.68 -1.44 18.20
N PHE C 148 11.13 -0.41 17.57
CA PHE C 148 9.68 -0.19 17.58
C PHE C 148 9.00 -1.20 16.67
N LEU C 149 7.70 -1.38 16.85
CA LEU C 149 6.89 -2.15 15.92
C LEU C 149 6.91 -1.45 14.57
N GLN C 150 7.05 -2.25 13.51
CA GLN C 150 7.06 -1.74 12.14
C GLN C 150 5.90 -2.32 11.37
N THR C 151 5.30 -1.47 10.54
CA THR C 151 4.13 -1.84 9.76
C THR C 151 4.18 -1.15 8.41
N ASP C 152 3.53 -1.76 7.42
CA ASP C 152 3.36 -1.15 6.10
C ASP C 152 2.01 -0.45 5.97
N ALA C 153 1.22 -0.48 7.03
CA ALA C 153 0.02 0.36 7.08
C ALA C 153 0.49 1.81 7.11
N SER C 154 -0.03 2.63 6.21
CA SER C 154 0.49 3.98 6.02
C SER C 154 0.43 4.79 7.32
N ILE C 155 1.56 5.37 7.69
CA ILE C 155 1.66 6.21 8.89
C ILE C 155 2.05 7.63 8.48
N ASN C 156 1.13 8.58 8.72
CA ASN C 156 1.34 9.98 8.38
C ASN C 156 1.00 10.89 9.57
N HIS C 157 1.07 12.20 9.35
CA HIS C 157 0.75 13.16 10.40
C HIS C 157 -0.71 13.01 10.82
N GLY C 158 -1.55 12.61 9.87
CA GLY C 158 -2.97 12.45 10.13
C GLY C 158 -3.28 11.44 11.21
N ASN C 159 -2.62 10.29 11.19
CA ASN C 159 -2.84 9.24 12.18
C ASN C 159 -1.81 9.16 13.32
N SER C 160 -0.81 10.03 13.29
CA SER C 160 0.22 10.00 14.32
C SER C 160 -0.41 10.16 15.71
N GLY C 161 -0.07 9.24 16.61
CA GLY C 161 -0.62 9.23 17.95
C GLY C 161 -1.88 8.41 18.01
N GLY C 162 -2.32 7.91 16.86
CA GLY C 162 -3.52 7.10 16.78
C GLY C 162 -3.20 5.63 17.03
N ALA C 163 -4.20 4.79 16.83
CA ALA C 163 -4.14 3.40 17.21
C ALA C 163 -3.76 2.48 16.06
N LEU C 164 -2.93 1.51 16.38
CA LEU C 164 -2.70 0.36 15.55
C LEU C 164 -3.39 -0.84 16.17
N VAL C 165 -4.35 -1.43 15.45
CA VAL C 165 -5.15 -2.52 15.99
C VAL C 165 -5.13 -3.75 15.07
N ASN C 166 -5.44 -4.93 15.61
CA ASN C 166 -5.57 -6.13 14.79
C ASN C 166 -7.01 -6.29 14.29
N SER C 167 -7.28 -7.39 13.59
CA SER C 167 -8.59 -7.56 12.96
C SER C 167 -9.70 -7.75 13.98
N LEU C 168 -9.33 -7.97 15.25
CA LEU C 168 -10.30 -8.06 16.33
C LEU C 168 -10.59 -6.70 16.95
N GLY C 169 -9.82 -5.69 16.57
CA GLY C 169 -9.93 -4.37 17.14
C GLY C 169 -9.06 -4.16 18.36
N GLU C 170 -8.27 -5.17 18.72
CA GLU C 170 -7.40 -5.08 19.89
C GLU C 170 -6.18 -4.22 19.58
N LEU C 171 -5.70 -3.47 20.57
CA LEU C 171 -4.62 -2.51 20.36
C LEU C 171 -3.27 -3.23 20.30
N MSE C 172 -2.62 -3.12 19.14
CA MSE C 172 -1.24 -3.55 18.91
C MSE C 172 -0.18 -2.52 19.30
O MSE C 172 0.90 -2.87 19.78
CB MSE C 172 -1.06 -3.91 17.43
CG MSE C 172 -1.84 -5.14 17.00
SE MSE C 172 -1.19 -6.81 17.72
CE MSE C 172 -2.45 -6.94 19.16
H MSE C 172 -2.92 -2.27 18.80
HA MSE C 172 -1.08 -4.36 19.42
HB2 MSE C 172 -0.12 -4.07 17.26
HB3 MSE C 172 -1.38 -3.16 16.90
HG2 MSE C 172 -1.79 -5.20 16.03
HG3 MSE C 172 -2.77 -5.03 17.28
HE1 MSE C 172 -2.29 -7.75 19.66
HE2 MSE C 172 -2.36 -6.16 19.75
HE3 MSE C 172 -3.35 -6.95 18.79
N GLY C 173 -0.49 -1.26 19.03
CA GLY C 173 0.47 -0.22 19.25
C GLY C 173 -0.05 1.18 19.04
N ILE C 174 0.81 2.15 19.34
CA ILE C 174 0.51 3.56 19.15
C ILE C 174 1.38 4.08 18.01
N ASN C 175 0.74 4.59 16.98
CA ASN C 175 1.45 5.11 15.82
C ASN C 175 2.32 6.31 16.18
N THR C 176 3.51 6.35 15.61
CA THR C 176 4.43 7.46 15.83
C THR C 176 5.24 7.76 14.57
N LEU C 177 5.51 9.04 14.35
CA LEU C 177 6.33 9.47 13.22
C LEU C 177 7.77 9.68 13.65
N PRO C 188 12.93 3.07 5.09
CA PRO C 188 12.54 3.86 3.92
C PRO C 188 11.25 4.65 4.14
N GLU C 189 10.67 5.15 3.06
CA GLU C 189 9.43 5.93 3.13
C GLU C 189 8.20 5.05 3.37
N GLY C 190 8.30 3.78 2.99
CA GLY C 190 7.15 2.87 3.03
C GLY C 190 6.84 2.27 4.40
N ILE C 191 7.81 2.29 5.31
CA ILE C 191 7.64 1.68 6.63
C ILE C 191 7.25 2.69 7.70
N GLY C 192 6.16 2.39 8.39
CA GLY C 192 5.72 3.14 9.56
C GLY C 192 6.13 2.48 10.86
N PHE C 193 6.18 3.27 11.94
CA PHE C 193 6.57 2.78 13.25
C PHE C 193 5.46 2.99 14.28
N ALA C 194 5.41 2.12 15.28
CA ALA C 194 4.45 2.25 16.36
C ALA C 194 5.08 1.73 17.64
N ILE C 195 4.74 2.34 18.76
CA ILE C 195 5.15 1.81 20.07
C ILE C 195 4.31 0.58 20.37
N PRO C 196 4.95 -0.56 20.67
CA PRO C 196 4.16 -1.75 21.02
C PRO C 196 3.26 -1.50 22.21
N PHE C 197 2.04 -2.03 22.20
CA PHE C 197 1.05 -1.68 23.21
C PHE C 197 1.51 -2.06 24.60
N GLN C 198 2.31 -3.12 24.69
CA GLN C 198 2.83 -3.55 25.99
C GLN C 198 3.73 -2.47 26.56
N LEU C 199 4.55 -1.86 25.72
CA LEU C 199 5.43 -0.79 26.17
C LEU C 199 4.65 0.49 26.45
N ALA C 200 3.64 0.78 25.64
CA ALA C 200 2.82 1.97 25.84
C ALA C 200 2.09 1.91 27.17
N THR C 201 1.57 0.74 27.51
CA THR C 201 0.91 0.52 28.80
C THR C 201 1.86 0.81 29.97
N LYS C 202 3.09 0.28 29.89
CA LYS C 202 4.09 0.50 30.93
C LYS C 202 4.47 1.97 31.06
N ILE C 203 4.72 2.63 29.93
CA ILE C 203 5.03 4.05 29.92
C ILE C 203 3.91 4.84 30.58
N MSE C 204 2.67 4.56 30.20
CA MSE C 204 1.53 5.29 30.73
C MSE C 204 1.43 5.18 32.26
O MSE C 204 1.24 6.18 32.95
CB MSE C 204 0.23 4.80 30.10
CG MSE C 204 -0.99 5.42 30.73
SE MSE C 204 -2.70 4.88 29.97
CE MSE C 204 -2.51 2.96 30.07
H MSE C 204 2.53 3.83 29.60
HA MSE C 204 1.63 6.22 30.50
HB2 MSE C 204 0.17 3.84 30.20
HB3 MSE C 204 0.24 5.03 29.15
HG2 MSE C 204 -0.93 6.38 30.65
HG3 MSE C 204 -1.01 5.18 31.67
HE1 MSE C 204 -3.31 2.55 29.71
HE2 MSE C 204 -1.73 2.69 29.55
HE3 MSE C 204 -2.39 2.70 30.99
N ASP C 205 1.56 3.96 32.78
CA ASP C 205 1.48 3.73 34.23
C ASP C 205 2.58 4.46 34.98
N LYS C 206 3.77 4.52 34.40
CA LYS C 206 4.88 5.19 35.06
C LYS C 206 4.68 6.70 35.04
N LEU C 207 4.07 7.21 33.98
CA LEU C 207 3.79 8.64 33.88
C LEU C 207 2.71 9.03 34.88
N ILE C 208 1.74 8.15 35.10
CA ILE C 208 0.68 8.41 36.05
C ILE C 208 1.27 8.44 37.45
N ARG C 209 2.15 7.49 37.75
CA ARG C 209 2.73 7.40 39.08
C ARG C 209 3.70 8.55 39.40
N ASP C 210 4.74 8.70 38.57
CA ASP C 210 5.81 9.66 38.84
C ASP C 210 5.76 10.99 38.08
N GLY C 211 4.82 11.13 37.16
CA GLY C 211 4.76 12.32 36.32
C GLY C 211 5.86 12.36 35.26
N ARG C 212 6.61 11.28 35.14
CA ARG C 212 7.68 11.15 34.15
C ARG C 212 8.23 9.73 34.21
N VAL C 213 8.94 9.31 33.17
CA VAL C 213 9.43 7.95 33.12
C VAL C 213 10.83 7.89 33.73
N ILE C 214 10.93 7.20 34.86
CA ILE C 214 12.20 7.01 35.54
C ILE C 214 12.80 5.68 35.09
N ARG C 215 14.03 5.75 34.58
CA ARG C 215 14.73 4.58 34.05
C ARG C 215 16.02 4.30 34.81
N GLY C 216 16.25 3.04 35.15
CA GLY C 216 17.51 2.64 35.73
C GLY C 216 18.59 2.64 34.66
N TYR C 217 19.75 3.19 35.00
CA TYR C 217 20.85 3.31 34.05
C TYR C 217 22.16 2.87 34.68
N ILE C 218 22.75 1.79 34.14
CA ILE C 218 24.03 1.30 34.64
C ILE C 218 25.25 1.85 33.88
N GLY C 219 25.00 2.49 32.74
CA GLY C 219 26.08 3.03 31.92
C GLY C 219 27.10 2.02 31.40
N ILE C 220 26.62 1.00 30.68
CA ILE C 220 27.50 0.01 30.07
C ILE C 220 27.06 -0.33 28.64
N GLY C 221 28.02 -0.38 27.73
CA GLY C 221 27.77 -0.80 26.36
C GLY C 221 28.26 -2.22 26.11
N GLY C 222 27.91 -2.77 24.95
CA GLY C 222 28.34 -4.09 24.55
C GLY C 222 27.37 -5.18 24.99
N GLY C 240 27.69 -15.05 28.86
CA GLY C 240 28.19 -13.80 29.40
C GLY C 240 28.08 -12.66 28.40
N ILE C 241 28.37 -11.45 28.86
CA ILE C 241 28.28 -10.26 28.03
C ILE C 241 29.61 -9.49 28.05
N VAL C 242 30.19 -9.32 26.86
CA VAL C 242 31.45 -8.59 26.71
C VAL C 242 31.18 -7.09 26.76
N VAL C 243 31.90 -6.40 27.64
CA VAL C 243 31.75 -4.95 27.76
C VAL C 243 32.55 -4.25 26.68
N ASN C 244 31.85 -3.49 25.83
CA ASN C 244 32.49 -2.71 24.78
C ASN C 244 33.04 -1.39 25.31
N GLU C 245 32.27 -0.74 26.17
CA GLU C 245 32.63 0.57 26.69
C GLU C 245 32.00 0.82 28.06
N VAL C 246 32.59 1.73 28.81
CA VAL C 246 32.11 2.12 30.13
C VAL C 246 31.95 3.65 30.18
N SER C 247 30.71 4.10 30.36
CA SER C 247 30.41 5.53 30.38
C SER C 247 31.19 6.25 31.48
N PRO C 248 31.74 7.44 31.17
CA PRO C 248 32.48 8.20 32.19
C PRO C 248 31.58 8.63 33.34
N ASP C 249 32.15 8.68 34.55
CA ASP C 249 31.43 9.04 35.78
C ASP C 249 30.10 8.30 35.87
N GLY C 250 30.08 7.07 35.37
CA GLY C 250 28.88 6.26 35.37
C GLY C 250 28.90 5.27 36.51
N PRO C 251 27.75 4.63 36.79
CA PRO C 251 27.64 3.61 37.84
C PRO C 251 28.68 2.50 37.69
N ALA C 252 28.84 2.01 36.47
CA ALA C 252 29.76 0.91 36.19
C ALA C 252 31.20 1.32 36.48
N ALA C 253 31.56 2.53 36.06
CA ALA C 253 32.92 3.05 36.27
C ALA C 253 33.22 3.18 37.76
N ASN C 254 32.25 3.68 38.51
CA ASN C 254 32.42 3.88 39.95
C ASN C 254 32.49 2.56 40.72
N ALA C 255 31.87 1.51 40.16
CA ALA C 255 31.85 0.20 40.80
C ALA C 255 33.13 -0.58 40.54
N GLY C 256 33.92 -0.13 39.57
CA GLY C 256 35.19 -0.74 39.25
C GLY C 256 35.20 -1.59 38.00
N ILE C 257 34.06 -1.65 37.31
CA ILE C 257 33.97 -2.40 36.06
C ILE C 257 34.87 -1.76 35.00
N GLN C 258 35.69 -2.61 34.35
CA GLN C 258 36.62 -2.14 33.32
C GLN C 258 36.27 -2.75 31.97
N VAL C 259 36.66 -2.07 30.90
CA VAL C 259 36.37 -2.52 29.55
C VAL C 259 37.01 -3.88 29.28
N ASN C 260 36.39 -4.65 28.40
CA ASN C 260 36.85 -6.00 28.05
C ASN C 260 36.46 -7.02 29.11
N ASP C 261 35.86 -6.56 30.21
CA ASP C 261 35.39 -7.46 31.24
C ASP C 261 34.16 -8.23 30.77
N LEU C 262 33.95 -9.40 31.35
CA LEU C 262 32.84 -10.27 30.99
C LEU C 262 31.83 -10.34 32.12
N ILE C 263 30.61 -9.87 31.89
CA ILE C 263 29.59 -9.88 32.92
C ILE C 263 28.77 -11.16 32.81
N ILE C 264 28.94 -12.06 33.78
CA ILE C 264 28.20 -13.32 33.78
C ILE C 264 26.87 -13.25 34.53
N SER C 265 26.70 -12.21 35.35
CA SER C 265 25.44 -12.02 36.08
C SER C 265 25.21 -10.57 36.46
N VAL C 266 23.94 -10.16 36.50
CA VAL C 266 23.56 -8.84 37.01
C VAL C 266 22.35 -8.94 37.92
N ASP C 267 22.52 -8.53 39.18
CA ASP C 267 21.43 -8.54 40.15
C ASP C 267 20.77 -9.91 40.30
N ASN C 268 21.57 -10.93 40.58
CA ASN C 268 21.08 -12.29 40.78
C ASN C 268 20.33 -12.84 39.57
N LYS C 269 20.69 -12.35 38.39
CA LYS C 269 20.15 -12.88 37.14
C LYS C 269 21.30 -13.25 36.21
N PRO C 270 21.17 -14.38 35.48
CA PRO C 270 22.18 -14.67 34.46
C PRO C 270 22.12 -13.65 33.34
N ALA C 271 23.25 -13.17 32.84
CA ALA C 271 23.18 -12.34 31.64
C ALA C 271 23.57 -13.19 30.45
N ILE C 272 22.56 -13.62 29.71
CA ILE C 272 22.72 -14.28 28.42
C ILE C 272 22.82 -13.25 27.29
N SER C 273 21.96 -12.23 27.38
CA SER C 273 21.78 -11.26 26.30
C SER C 273 22.00 -9.83 26.79
N ALA C 274 22.61 -9.01 25.94
CA ALA C 274 22.85 -7.61 26.26
C ALA C 274 21.55 -6.83 26.30
N LEU C 275 20.76 -6.94 25.24
CA LEU C 275 19.50 -6.19 25.12
C LEU C 275 18.56 -6.48 26.28
N GLU C 276 18.49 -7.75 26.69
CA GLU C 276 17.56 -8.13 27.73
C GLU C 276 18.09 -7.71 29.11
N THR C 277 19.41 -7.65 29.24
CA THR C 277 20.04 -7.22 30.49
C THR C 277 19.80 -5.74 30.73
N MSE C 278 19.87 -4.94 29.67
CA MSE C 278 19.68 -3.50 29.79
C MSE C 278 18.22 -3.17 30.07
O MSE C 278 17.94 -2.15 30.71
CB MSE C 278 20.15 -2.79 28.51
CG MSE C 278 21.63 -2.97 28.22
SE MSE C 278 22.80 -2.44 29.70
CE MSE C 278 22.63 -0.50 29.55
H MSE C 278 20.03 -5.22 28.86
HA MSE C 278 20.23 -3.19 30.52
HB2 MSE C 278 19.98 -1.84 28.61
HB3 MSE C 278 19.65 -3.14 27.75
HG2 MSE C 278 21.87 -2.43 27.45
HG3 MSE C 278 21.81 -3.91 28.03
HE1 MSE C 278 23.17 -0.08 30.24
HE2 MSE C 278 22.94 -0.22 28.68
HE3 MSE C 278 21.70 -0.26 29.67
N ASP C 279 17.31 -4.02 29.62
CA ASP C 279 15.91 -3.86 29.94
C ASP C 279 15.68 -4.09 31.44
N GLN C 280 16.40 -5.06 31.99
CA GLN C 280 16.33 -5.33 33.44
C GLN C 280 16.86 -4.15 34.24
N VAL C 281 18.01 -3.62 33.82
CA VAL C 281 18.60 -2.45 34.45
C VAL C 281 17.60 -1.29 34.45
N ALA C 282 16.89 -1.12 33.35
CA ALA C 282 15.92 -0.02 33.23
C ALA C 282 14.80 -0.14 34.25
N GLU C 283 14.41 -1.37 34.57
CA GLU C 283 13.33 -1.62 35.52
C GLU C 283 13.78 -1.38 36.96
N ILE C 284 15.08 -1.44 37.19
CA ILE C 284 15.63 -1.24 38.54
C ILE C 284 15.54 0.23 38.93
N ARG C 285 15.07 0.47 40.15
CA ARG C 285 14.93 1.83 40.67
C ARG C 285 16.29 2.48 40.93
N PRO C 286 16.42 3.78 40.59
CA PRO C 286 17.66 4.49 40.91
C PRO C 286 17.94 4.52 42.41
N GLY C 287 19.20 4.30 42.78
CA GLY C 287 19.60 4.28 44.18
C GLY C 287 19.75 2.87 44.72
N SER C 288 19.23 1.89 43.98
CA SER C 288 19.31 0.49 44.39
C SER C 288 20.70 -0.08 44.13
N VAL C 289 21.23 -0.81 45.11
CA VAL C 289 22.54 -1.43 44.99
C VAL C 289 22.40 -2.91 44.61
N ILE C 290 23.00 -3.29 43.49
CA ILE C 290 22.97 -4.67 43.03
C ILE C 290 24.39 -5.15 42.77
N PRO C 291 24.67 -6.44 43.04
CA PRO C 291 25.99 -6.96 42.67
C PRO C 291 26.11 -7.23 41.16
N VAL C 292 27.26 -6.95 40.59
CA VAL C 292 27.57 -7.37 39.21
C VAL C 292 28.71 -8.38 39.23
N VAL C 293 28.40 -9.63 38.92
CA VAL C 293 29.41 -10.67 38.85
C VAL C 293 30.09 -10.61 37.49
N VAL C 294 31.42 -10.57 37.49
CA VAL C 294 32.18 -10.49 36.25
C VAL C 294 33.36 -11.46 36.23
N THR C 302 33.03 -10.07 42.27
CA THR C 302 31.71 -9.48 42.51
C THR C 302 31.84 -8.02 42.91
N LEU C 303 31.23 -7.14 42.11
CA LEU C 303 31.28 -5.70 42.35
C LEU C 303 29.91 -5.16 42.72
N GLN C 304 29.90 -4.19 43.62
CA GLN C 304 28.66 -3.54 44.05
C GLN C 304 28.48 -2.22 43.32
N VAL C 305 27.35 -2.07 42.62
CA VAL C 305 27.05 -0.87 41.87
C VAL C 305 25.69 -0.29 42.28
N THR C 306 25.60 1.03 42.32
CA THR C 306 24.34 1.71 42.58
C THR C 306 23.81 2.30 41.28
N ILE C 307 22.51 2.11 41.03
CA ILE C 307 21.91 2.57 39.79
C ILE C 307 21.71 4.09 39.78
N GLN C 308 21.92 4.69 38.61
CA GLN C 308 21.69 6.10 38.41
C GLN C 308 20.48 6.29 37.49
N GLU C 309 19.79 7.40 37.65
CA GLU C 309 18.66 7.71 36.78
C GLU C 309 19.16 8.06 35.38
N TYR C 310 18.49 7.50 34.37
CA TYR C 310 18.88 7.70 32.98
C TYR C 310 18.96 9.19 32.65
N PRO C 311 19.98 9.61 31.87
CA PRO C 311 20.12 11.02 31.48
C PRO C 311 18.89 11.60 30.80
N ALA C 312 18.49 12.81 31.20
CA ALA C 312 17.31 13.47 30.63
C ALA C 312 17.70 14.39 29.48
N THR C 313 17.22 14.08 28.29
CA THR C 313 17.50 14.87 27.10
C THR C 313 16.67 14.42 25.92
P PO4 D . -1.22 8.50 -31.45
O1 PO4 D . -0.36 7.27 -31.28
O2 PO4 D . -2.66 8.14 -31.19
O3 PO4 D . -0.78 9.55 -30.45
O4 PO4 D . -1.10 9.04 -32.84
NI NI E . 22.19 1.25 -25.10
#